data_4E8E
#
_entry.id   4E8E
#
_cell.length_a   56.783
_cell.length_b   88.756
_cell.length_c   86.488
_cell.angle_alpha   90.00
_cell.angle_beta   102.68
_cell.angle_gamma   90.00
#
_symmetry.space_group_name_H-M   'P 1 21 1'
#
loop_
_entity.id
_entity.type
_entity.pdbx_description
1 polymer 'Glutathione S-transferase'
2 water water
#
_entity_poly.entity_id   1
_entity_poly.type   'polypeptide(L)'
_entity_poly.pdbx_seq_one_letter_code
;HMPVQPIKLYYLPPSPPCRAVMMTARVLELDLHLITTNIMNGEHMTPEYLKMNPQHTIPTMDDNGFILWESRAIQTYLVN
AYGKDDSLYPKNPRQRAIIDQRLNFDLGTLYLRYLNLYTPILFRGEAYDQEKADKFDEALGWLNTFLDGRPFVAGENMTV
ADITIVVTITNIDAFGYDFSSHENIAKWFERTKKMLEPYGYDEIDVTGAKMLASFLKKE
;
_entity_poly.pdbx_strand_id   A,B,C,D
#
# COMPACT_ATOMS: atom_id res chain seq x y z
N HIS A 1 10.08 10.12 23.06
CA HIS A 1 10.38 10.17 21.60
C HIS A 1 11.72 9.53 21.29
N MET A 2 12.71 9.77 22.17
CA MET A 2 14.06 9.22 22.02
C MET A 2 14.45 8.42 23.26
N PRO A 3 15.33 7.41 23.10
CA PRO A 3 15.79 6.63 24.25
C PRO A 3 16.64 7.46 25.21
N VAL A 4 16.55 7.13 26.50
CA VAL A 4 17.26 7.89 27.55
C VAL A 4 18.78 7.69 27.49
N GLN A 5 19.20 6.57 26.91
CA GLN A 5 20.61 6.24 26.71
C GLN A 5 20.75 5.45 25.41
N PRO A 6 21.96 5.40 24.82
CA PRO A 6 22.14 4.57 23.64
C PRO A 6 21.71 3.12 23.90
N ILE A 7 20.84 2.60 23.04
CA ILE A 7 20.31 1.25 23.18
C ILE A 7 21.41 0.21 22.98
N LYS A 8 21.70 -0.55 24.04
CA LYS A 8 22.75 -1.56 24.00
C LYS A 8 22.29 -2.81 23.24
N LEU A 9 23.18 -3.34 22.40
CA LEU A 9 22.89 -4.54 21.63
C LEU A 9 24.04 -5.53 21.75
N TYR A 10 23.78 -6.60 22.50
CA TYR A 10 24.74 -7.69 22.66
C TYR A 10 24.77 -8.48 21.35
N TYR A 11 25.82 -8.25 20.57
CA TYR A 11 25.83 -8.67 19.17
C TYR A 11 27.13 -9.35 18.76
N LEU A 12 27.15 -9.82 17.52
CA LEU A 12 28.36 -10.24 16.84
C LEU A 12 28.25 -9.79 15.38
N PRO A 13 29.32 -9.18 14.84
CA PRO A 13 29.31 -8.62 13.47
C PRO A 13 28.76 -9.52 12.36
N PRO A 14 29.15 -10.83 12.31
CA PRO A 14 28.65 -11.63 11.19
C PRO A 14 27.22 -12.15 11.35
N SER A 15 26.68 -12.06 12.57
CA SER A 15 25.36 -12.62 12.87
C SER A 15 24.24 -11.95 12.07
N PRO A 16 23.50 -12.75 11.27
CA PRO A 16 22.41 -12.23 10.42
C PRO A 16 21.28 -11.49 11.15
N PRO A 17 20.77 -12.04 12.28
CA PRO A 17 19.74 -11.27 12.99
C PRO A 17 20.26 -9.96 13.59
N CYS A 18 21.52 -9.94 14.02
CA CYS A 18 22.15 -8.72 14.53
C CYS A 18 22.22 -7.62 13.47
N ARG A 19 22.64 -8.01 12.25
CA ARG A 19 22.77 -7.10 11.12
C ARG A 19 21.45 -6.44 10.73
N ALA A 20 20.36 -7.20 10.84
CA ALA A 20 19.01 -6.69 10.54
C ALA A 20 18.60 -5.58 11.51
N VAL A 21 18.94 -5.77 12.79
CA VAL A 21 18.66 -4.80 13.84
C VAL A 21 19.49 -3.53 13.65
N MET A 22 20.78 -3.72 13.37
CA MET A 22 21.73 -2.62 13.21
C MET A 22 21.34 -1.67 12.07
N MET A 23 20.94 -2.25 10.94
CA MET A 23 20.53 -1.46 9.78
C MET A 23 19.19 -0.75 10.00
N THR A 24 18.30 -1.39 10.76
CA THR A 24 17.01 -0.79 11.12
C THR A 24 17.22 0.44 12.01
N ALA A 25 18.15 0.33 12.95
CA ALA A 25 18.51 1.43 13.83
C ALA A 25 19.11 2.60 13.07
N ARG A 26 19.89 2.30 12.03
CA ARG A 26 20.52 3.32 11.19
C ARG A 26 19.52 4.14 10.38
N VAL A 27 18.48 3.49 9.85
CA VAL A 27 17.42 4.17 9.10
C VAL A 27 16.60 5.08 10.02
N LEU A 28 16.33 4.60 11.23
CA LEU A 28 15.62 5.38 12.25
C LEU A 28 16.52 6.43 12.91
N GLU A 29 17.79 6.47 12.49
CA GLU A 29 18.80 7.37 13.03
C GLU A 29 18.99 7.19 14.54
N LEU A 30 19.15 5.93 14.95
CA LEU A 30 19.39 5.57 16.33
C LEU A 30 20.78 4.98 16.48
N ASP A 31 21.55 5.52 17.43
CA ASP A 31 22.88 5.00 17.73
C ASP A 31 22.76 3.85 18.72
N LEU A 32 23.52 2.79 18.47
CA LEU A 32 23.54 1.62 19.34
C LEU A 32 24.89 1.47 20.02
N HIS A 33 24.86 1.21 21.33
CA HIS A 33 26.08 0.85 22.05
C HIS A 33 26.35 -0.62 21.80
N LEU A 34 27.21 -0.90 20.83
CA LEU A 34 27.51 -2.26 20.41
C LEU A 34 28.43 -2.98 21.38
N ILE A 35 27.93 -4.08 21.95
CA ILE A 35 28.72 -4.91 22.86
C ILE A 35 28.97 -6.27 22.21
N THR A 36 30.25 -6.58 21.97
CA THR A 36 30.64 -7.84 21.35
C THR A 36 30.46 -9.01 22.33
N THR A 37 29.61 -9.95 21.95
CA THR A 37 29.34 -11.13 22.76
C THR A 37 29.74 -12.39 21.99
N ASN A 38 30.95 -12.86 22.26
CA ASN A 38 31.49 -14.05 21.57
C ASN A 38 30.79 -15.32 22.03
N ILE A 39 30.07 -15.95 21.10
CA ILE A 39 29.23 -17.12 21.38
C ILE A 39 30.02 -18.31 21.91
N MET A 40 30.93 -18.84 21.10
CA MET A 40 31.62 -20.08 21.47
C MET A 40 32.85 -19.84 22.35
N ASN A 41 32.91 -18.65 22.96
CA ASN A 41 33.88 -18.35 24.01
C ASN A 41 33.20 -18.49 25.39
N GLY A 42 31.92 -18.83 25.37
CA GLY A 42 31.14 -19.03 26.59
C GLY A 42 30.66 -17.74 27.25
N GLU A 43 30.67 -16.65 26.49
CA GLU A 43 30.26 -15.34 27.00
C GLU A 43 28.74 -15.20 27.12
N HIS A 44 28.01 -15.98 26.33
CA HIS A 44 26.55 -16.02 26.39
C HIS A 44 26.05 -17.00 27.46
N MET A 45 26.94 -17.86 27.94
CA MET A 45 26.59 -18.88 28.93
C MET A 45 26.91 -18.46 30.37
N THR A 46 27.28 -17.19 30.54
CA THR A 46 27.56 -16.63 31.87
C THR A 46 26.28 -16.41 32.67
N PRO A 47 26.37 -16.51 34.02
CA PRO A 47 25.20 -16.30 34.89
C PRO A 47 24.50 -14.95 34.69
N GLU A 48 25.27 -13.91 34.37
CA GLU A 48 24.71 -12.58 34.11
C GLU A 48 23.92 -12.53 32.80
N TYR A 49 24.38 -13.26 31.79
CA TYR A 49 23.72 -13.31 30.49
C TYR A 49 22.45 -14.16 30.53
N LEU A 50 22.49 -15.26 31.28
CA LEU A 50 21.34 -16.15 31.43
C LEU A 50 20.18 -15.51 32.16
N LYS A 51 20.50 -14.68 33.17
CA LYS A 51 19.50 -13.90 33.91
C LYS A 51 18.78 -12.92 32.96
N MET A 52 19.54 -12.32 32.06
CA MET A 52 19.02 -11.39 31.07
C MET A 52 18.30 -12.13 29.93
N ASN A 53 18.94 -13.19 29.43
CA ASN A 53 18.42 -13.99 28.33
C ASN A 53 18.64 -15.48 28.57
N PRO A 54 17.60 -16.19 29.03
CA PRO A 54 17.66 -17.64 29.27
C PRO A 54 17.87 -18.48 28.02
N GLN A 55 17.47 -17.95 26.86
CA GLN A 55 17.68 -18.63 25.58
C GLN A 55 19.13 -18.53 25.09
N HIS A 56 19.92 -17.69 25.76
CA HIS A 56 21.34 -17.44 25.45
C HIS A 56 21.64 -17.30 23.95
N THR A 57 20.96 -16.34 23.32
CA THR A 57 21.14 -16.08 21.89
C THR A 57 21.52 -14.62 21.62
N ILE A 58 21.96 -14.37 20.39
CA ILE A 58 22.21 -13.00 19.92
C ILE A 58 21.32 -12.70 18.71
N PRO A 59 20.86 -11.43 18.58
CA PRO A 59 21.16 -10.31 19.46
C PRO A 59 20.30 -10.24 20.72
N THR A 60 20.77 -9.50 21.71
CA THR A 60 19.95 -9.14 22.87
C THR A 60 19.92 -7.62 22.96
N MET A 61 18.70 -7.06 22.91
CA MET A 61 18.51 -5.63 23.02
C MET A 61 18.30 -5.22 24.46
N ASP A 62 19.09 -4.25 24.91
CA ASP A 62 18.93 -3.64 26.23
C ASP A 62 18.62 -2.16 26.06
N ASP A 63 17.33 -1.83 26.18
CA ASP A 63 16.87 -0.45 26.13
C ASP A 63 16.47 0.01 27.53
N ASN A 64 17.47 0.45 28.29
CA ASN A 64 17.28 1.01 29.63
C ASN A 64 16.49 0.09 30.58
N GLY A 65 16.95 -1.15 30.69
CA GLY A 65 16.33 -2.14 31.57
C GLY A 65 15.36 -3.07 30.86
N PHE A 66 14.76 -2.57 29.78
CA PHE A 66 13.83 -3.37 28.98
C PHE A 66 14.59 -4.34 28.08
N ILE A 67 14.51 -5.62 28.43
CA ILE A 67 15.26 -6.66 27.74
C ILE A 67 14.41 -7.34 26.68
N LEU A 68 14.99 -7.48 25.48
CA LEU A 68 14.28 -8.04 24.34
C LEU A 68 15.23 -8.75 23.39
N TRP A 69 14.88 -9.98 23.03
CA TRP A 69 15.57 -10.69 21.95
C TRP A 69 14.55 -11.07 20.86
N GLU A 70 14.97 -11.87 19.89
CA GLU A 70 14.20 -12.09 18.65
C GLU A 70 14.29 -10.82 17.81
N SER A 71 15.16 -10.85 16.80
CA SER A 71 15.52 -9.70 15.98
C SER A 71 14.33 -8.91 15.42
N ARG A 72 13.32 -9.62 14.92
CA ARG A 72 12.16 -9.00 14.29
C ARG A 72 11.26 -8.27 15.28
N ALA A 73 11.21 -8.76 16.52
CA ALA A 73 10.49 -8.08 17.60
C ALA A 73 11.23 -6.80 18.01
N ILE A 74 12.56 -6.84 17.95
CA ILE A 74 13.39 -5.67 18.22
C ILE A 74 13.18 -4.60 17.14
N GLN A 75 13.28 -5.01 15.87
CA GLN A 75 13.07 -4.11 14.74
C GLN A 75 11.77 -3.33 14.87
N THR A 76 10.68 -4.05 15.13
CA THR A 76 9.35 -3.47 15.22
C THR A 76 9.18 -2.55 16.42
N TYR A 77 9.83 -2.90 17.53
CA TYR A 77 9.82 -2.07 18.73
C TYR A 77 10.50 -0.72 18.50
N LEU A 78 11.67 -0.75 17.85
CA LEU A 78 12.44 0.47 17.56
C LEU A 78 11.64 1.50 16.77
N VAL A 79 10.85 1.03 15.80
CA VAL A 79 10.00 1.90 14.99
C VAL A 79 8.79 2.38 15.80
N ASN A 80 8.16 1.45 16.52
CA ASN A 80 6.99 1.77 17.35
C ASN A 80 7.26 2.79 18.44
N ALA A 81 8.44 2.72 19.04
CA ALA A 81 8.80 3.57 20.18
C ALA A 81 9.56 4.84 19.79
N TYR A 82 10.48 4.71 18.84
CA TYR A 82 11.42 5.80 18.52
C TYR A 82 11.43 6.27 17.07
N GLY A 83 10.50 5.76 16.27
CA GLY A 83 10.35 6.18 14.88
C GLY A 83 9.77 7.58 14.77
N LYS A 84 10.46 8.44 14.03
CA LYS A 84 10.01 9.82 13.79
C LYS A 84 8.67 9.83 13.05
N ASP A 85 8.52 8.87 12.15
CA ASP A 85 7.23 8.57 11.52
C ASP A 85 7.08 7.05 11.46
N ASP A 86 5.94 6.58 10.97
CA ASP A 86 5.67 5.14 10.92
C ASP A 86 5.92 4.54 9.53
N SER A 87 6.76 5.18 8.73
CA SER A 87 6.99 4.75 7.34
C SER A 87 7.57 3.33 7.21
N LEU A 88 8.52 3.00 8.09
CA LEU A 88 9.14 1.68 8.09
C LEU A 88 8.23 0.58 8.62
N TYR A 89 7.28 0.98 9.47
CA TYR A 89 6.35 0.04 10.09
C TYR A 89 5.05 0.78 10.47
N PRO A 90 4.15 0.97 9.48
CA PRO A 90 2.95 1.79 9.62
C PRO A 90 1.87 1.25 10.55
N LYS A 91 1.18 2.17 11.23
CA LYS A 91 0.09 1.84 12.15
C LYS A 91 -1.12 1.21 11.45
N ASN A 92 -1.36 1.59 10.20
CA ASN A 92 -2.48 1.08 9.42
C ASN A 92 -2.57 -0.45 9.50
N PRO A 93 -3.72 -0.98 10.00
CA PRO A 93 -3.90 -2.41 10.26
C PRO A 93 -3.55 -3.30 9.07
N ARG A 94 -4.04 -2.95 7.89
CA ARG A 94 -3.83 -3.76 6.69
C ARG A 94 -2.40 -3.66 6.16
N GLN A 95 -1.83 -2.45 6.19
CA GLN A 95 -0.44 -2.22 5.80
C GLN A 95 0.54 -2.92 6.73
N ARG A 96 0.22 -2.92 8.03
CA ARG A 96 1.04 -3.60 9.02
C ARG A 96 0.96 -5.13 8.88
N ALA A 97 -0.23 -5.63 8.54
CA ALA A 97 -0.49 -7.06 8.39
C ALA A 97 0.40 -7.72 7.35
N ILE A 98 0.58 -7.05 6.20
CA ILE A 98 1.42 -7.56 5.12
C ILE A 98 2.89 -7.62 5.55
N ILE A 99 3.35 -6.61 6.27
CA ILE A 99 4.70 -6.59 6.81
C ILE A 99 4.88 -7.72 7.82
N ASP A 100 3.94 -7.83 8.76
CA ASP A 100 3.95 -8.87 9.77
C ASP A 100 4.00 -10.27 9.15
N GLN A 101 3.27 -10.46 8.06
CA GLN A 101 3.29 -11.71 7.32
C GLN A 101 4.68 -11.98 6.73
N ARG A 102 5.28 -10.93 6.16
CA ARG A 102 6.62 -11.03 5.57
C ARG A 102 7.69 -11.27 6.64
N LEU A 103 7.50 -10.66 7.81
CA LEU A 103 8.36 -10.91 8.96
C LEU A 103 8.21 -12.35 9.44
N ASN A 104 6.97 -12.84 9.49
CA ASN A 104 6.68 -14.23 9.84
C ASN A 104 7.21 -15.20 8.79
N PHE A 105 7.04 -14.85 7.52
CA PHE A 105 7.62 -15.62 6.41
C PHE A 105 9.14 -15.71 6.52
N ASP A 106 9.76 -14.58 6.86
CA ASP A 106 11.22 -14.54 7.02
C ASP A 106 11.71 -15.45 8.14
N LEU A 107 11.14 -15.30 9.33
CA LEU A 107 11.49 -16.15 10.46
C LEU A 107 11.10 -17.62 10.21
N GLY A 108 9.87 -17.82 9.75
CA GLY A 108 9.31 -19.15 9.59
C GLY A 108 9.80 -19.97 8.41
N THR A 109 10.16 -19.30 7.32
CA THR A 109 10.52 -20.00 6.09
C THR A 109 11.90 -19.65 5.55
N LEU A 110 12.09 -18.40 5.12
CA LEU A 110 13.31 -18.00 4.43
C LEU A 110 14.58 -18.22 5.26
N TYR A 111 14.58 -17.68 6.47
CA TYR A 111 15.75 -17.77 7.35
C TYR A 111 15.99 -19.18 7.89
N LEU A 112 14.92 -19.89 8.23
CA LEU A 112 15.01 -21.27 8.71
C LEU A 112 15.65 -22.16 7.66
N ARG A 113 15.18 -22.05 6.42
CA ARG A 113 15.69 -22.85 5.32
C ARG A 113 17.08 -22.41 4.88
N TYR A 114 17.44 -21.16 5.21
CA TYR A 114 18.80 -20.67 5.04
C TYR A 114 19.74 -21.34 6.03
N LEU A 115 19.34 -21.38 7.29
CA LEU A 115 20.14 -21.98 8.37
C LEU A 115 20.35 -23.48 8.13
N ASN A 116 19.28 -24.19 7.79
CA ASN A 116 19.36 -25.62 7.52
C ASN A 116 20.34 -25.94 6.39
N LEU A 117 20.36 -25.09 5.37
CA LEU A 117 21.23 -25.28 4.21
C LEU A 117 22.68 -24.90 4.51
N TYR A 118 22.90 -23.65 4.95
CA TYR A 118 24.25 -23.08 5.03
C TYR A 118 25.04 -23.32 6.30
N THR A 119 24.36 -23.50 7.44
CA THR A 119 25.04 -23.74 8.72
C THR A 119 25.98 -24.95 8.70
N PRO A 120 25.55 -26.10 8.12
CA PRO A 120 26.45 -27.25 8.03
C PRO A 120 27.69 -27.00 7.15
N ILE A 121 27.53 -26.20 6.10
CA ILE A 121 28.60 -25.93 5.14
C ILE A 121 29.59 -24.90 5.67
N LEU A 122 29.08 -23.87 6.33
CA LEU A 122 29.92 -22.79 6.86
C LEU A 122 30.77 -23.23 8.07
N PHE A 123 30.10 -23.75 9.10
CA PHE A 123 30.75 -24.04 10.37
C PHE A 123 31.37 -25.44 10.46
N ARG A 124 30.64 -26.44 9.97
CA ARG A 124 31.05 -27.84 10.10
C ARG A 124 31.90 -28.33 8.93
N GLY A 125 31.91 -27.55 7.84
CA GLY A 125 32.66 -27.89 6.64
C GLY A 125 32.07 -29.08 5.90
N GLU A 126 30.75 -29.14 5.84
CA GLU A 126 30.02 -30.25 5.22
C GLU A 126 29.55 -29.92 3.82
N ALA A 127 29.19 -30.96 3.06
CA ALA A 127 28.70 -30.80 1.68
C ALA A 127 27.26 -30.29 1.65
N TYR A 128 26.86 -29.78 0.48
CA TYR A 128 25.51 -29.25 0.27
C TYR A 128 24.45 -30.35 0.30
N ASP A 129 23.41 -30.16 1.11
CA ASP A 129 22.33 -31.13 1.21
C ASP A 129 21.21 -30.79 0.24
N GLN A 130 20.78 -31.79 -0.53
CA GLN A 130 19.87 -31.60 -1.66
C GLN A 130 18.43 -31.25 -1.26
N GLU A 131 17.91 -31.94 -0.26
CA GLU A 131 16.55 -31.73 0.21
C GLU A 131 16.39 -30.33 0.84
N LYS A 132 17.41 -29.92 1.59
CA LYS A 132 17.45 -28.59 2.20
C LYS A 132 17.63 -27.48 1.15
N ALA A 133 18.30 -27.82 0.04
CA ALA A 133 18.50 -26.89 -1.06
C ALA A 133 17.22 -26.65 -1.85
N ASP A 134 16.42 -27.71 -2.01
CA ASP A 134 15.12 -27.63 -2.69
C ASP A 134 14.18 -26.70 -1.92
N LYS A 135 14.18 -26.84 -0.60
CA LYS A 135 13.31 -26.05 0.27
C LYS A 135 13.66 -24.57 0.25
N PHE A 136 14.95 -24.26 0.27
CA PHE A 136 15.42 -22.87 0.25
C PHE A 136 15.14 -22.17 -1.08
N ASP A 137 15.29 -22.91 -2.17
CA ASP A 137 14.99 -22.41 -3.51
C ASP A 137 13.49 -22.17 -3.69
N GLU A 138 12.69 -23.03 -3.05
CA GLU A 138 11.23 -22.87 -3.03
C GLU A 138 10.85 -21.59 -2.27
N ALA A 139 11.55 -21.33 -1.16
CA ALA A 139 11.34 -20.12 -0.36
C ALA A 139 11.65 -18.85 -1.14
N LEU A 140 12.66 -18.91 -2.00
CA LEU A 140 13.02 -17.81 -2.90
C LEU A 140 11.98 -17.65 -4.01
N GLY A 141 11.47 -18.78 -4.48
CA GLY A 141 10.38 -18.80 -5.46
C GLY A 141 9.16 -18.03 -4.99
N TRP A 142 8.78 -18.26 -3.73
CA TRP A 142 7.65 -17.54 -3.12
C TRP A 142 7.95 -16.05 -2.93
N LEU A 143 9.17 -15.75 -2.49
CA LEU A 143 9.64 -14.37 -2.33
C LEU A 143 9.56 -13.59 -3.64
N ASN A 144 9.94 -14.26 -4.73
CA ASN A 144 9.84 -13.69 -6.07
C ASN A 144 8.40 -13.34 -6.44
N THR A 145 7.46 -14.20 -6.04
CA THR A 145 6.03 -14.01 -6.31
C THR A 145 5.46 -12.87 -5.47
N PHE A 146 5.96 -12.70 -4.24
CA PHE A 146 5.53 -11.62 -3.37
C PHE A 146 5.89 -10.25 -3.93
N LEU A 147 6.96 -10.22 -4.74
CA LEU A 147 7.45 -8.98 -5.32
C LEU A 147 6.84 -8.67 -6.68
N ASP A 148 5.84 -9.46 -7.08
CA ASP A 148 5.13 -9.23 -8.35
C ASP A 148 4.25 -7.98 -8.25
N GLY A 149 4.60 -6.98 -9.06
CA GLY A 149 3.89 -5.68 -9.05
C GLY A 149 4.21 -4.84 -7.83
N ARG A 150 5.27 -5.20 -7.11
CA ARG A 150 5.69 -4.47 -5.91
C ARG A 150 7.19 -4.17 -5.95
N PRO A 151 7.57 -2.90 -5.72
CA PRO A 151 9.00 -2.57 -5.60
C PRO A 151 9.61 -3.12 -4.31
N PHE A 152 8.79 -3.32 -3.28
CA PHE A 152 9.24 -3.88 -2.02
C PHE A 152 8.30 -4.99 -1.54
N VAL A 153 8.79 -5.86 -0.65
CA VAL A 153 8.06 -7.07 -0.24
C VAL A 153 6.68 -6.82 0.38
N ALA A 154 6.53 -5.67 1.04
CA ALA A 154 5.29 -5.35 1.75
C ALA A 154 4.41 -4.35 1.01
N GLY A 155 4.97 -3.74 -0.04
CA GLY A 155 4.23 -2.76 -0.82
C GLY A 155 5.13 -1.79 -1.58
N GLU A 156 4.74 -0.53 -1.56
CA GLU A 156 5.41 0.51 -2.36
C GLU A 156 6.69 1.03 -1.73
N ASN A 157 6.73 1.08 -0.40
CA ASN A 157 7.86 1.63 0.34
C ASN A 157 8.69 0.56 1.03
N MET A 158 9.96 0.88 1.29
CA MET A 158 10.85 0.00 2.06
C MET A 158 10.38 -0.07 3.51
N THR A 159 10.27 -1.30 4.02
CA THR A 159 9.83 -1.55 5.39
C THR A 159 10.87 -2.38 6.16
N VAL A 160 10.59 -2.64 7.43
CA VAL A 160 11.47 -3.46 8.28
C VAL A 160 11.58 -4.90 7.75
N ALA A 161 10.57 -5.32 6.98
CA ALA A 161 10.56 -6.65 6.36
C ALA A 161 11.62 -6.77 5.28
N ASP A 162 11.84 -5.68 4.53
CA ASP A 162 12.90 -5.65 3.52
C ASP A 162 14.27 -5.73 4.18
N ILE A 163 14.43 -5.01 5.29
CA ILE A 163 15.72 -4.94 5.99
C ILE A 163 16.17 -6.30 6.51
N THR A 164 15.25 -7.09 7.06
CA THR A 164 15.58 -8.42 7.57
C THR A 164 15.75 -9.48 6.48
N ILE A 165 14.96 -9.36 5.40
CA ILE A 165 15.04 -10.32 4.29
C ILE A 165 16.31 -10.12 3.47
N VAL A 166 16.72 -8.86 3.29
CA VAL A 166 17.91 -8.54 2.49
C VAL A 166 19.22 -9.12 3.08
N VAL A 167 19.23 -9.34 4.39
CA VAL A 167 20.39 -9.92 5.07
C VAL A 167 20.68 -11.33 4.53
N THR A 168 19.63 -12.13 4.35
CA THR A 168 19.75 -13.48 3.81
C THR A 168 20.20 -13.45 2.35
N ILE A 169 19.70 -12.47 1.60
CA ILE A 169 20.06 -12.30 0.20
C ILE A 169 21.50 -11.81 0.05
N THR A 170 21.93 -10.93 0.95
CA THR A 170 23.32 -10.46 1.01
C THR A 170 24.27 -11.61 1.33
N ASN A 171 23.86 -12.47 2.27
CA ASN A 171 24.65 -13.64 2.66
C ASN A 171 24.90 -14.61 1.52
N ILE A 172 23.82 -15.04 0.87
CA ILE A 172 23.91 -16.03 -0.21
C ILE A 172 24.71 -15.50 -1.42
N ASP A 173 24.51 -14.22 -1.74
CA ASP A 173 25.27 -13.54 -2.80
C ASP A 173 26.77 -13.58 -2.50
N ALA A 174 27.12 -13.39 -1.22
CA ALA A 174 28.51 -13.46 -0.77
C ALA A 174 29.06 -14.89 -0.81
N PHE A 175 28.17 -15.87 -0.69
CA PHE A 175 28.56 -17.28 -0.77
C PHE A 175 28.60 -17.79 -2.20
N GLY A 176 28.20 -16.94 -3.15
CA GLY A 176 28.23 -17.25 -4.57
C GLY A 176 26.95 -17.88 -5.09
N TYR A 177 25.82 -17.42 -4.56
CA TYR A 177 24.49 -17.90 -4.97
C TYR A 177 23.94 -16.99 -6.05
N ASP A 178 23.52 -17.60 -7.15
CA ASP A 178 22.93 -16.87 -8.27
C ASP A 178 21.41 -16.93 -8.17
N PHE A 179 20.78 -15.76 -8.08
CA PHE A 179 19.32 -15.66 -7.99
C PHE A 179 18.76 -14.75 -9.08
N SER A 180 19.52 -14.58 -10.16
CA SER A 180 19.13 -13.74 -11.29
C SER A 180 17.90 -14.28 -12.02
N SER A 181 17.71 -15.60 -11.98
CA SER A 181 16.54 -16.27 -12.56
C SER A 181 15.26 -15.81 -11.87
N HIS A 182 15.37 -15.44 -10.60
CA HIS A 182 14.30 -14.78 -9.87
C HIS A 182 14.40 -13.28 -10.16
N GLU A 183 13.83 -12.86 -11.28
CA GLU A 183 13.94 -11.46 -11.75
C GLU A 183 13.52 -10.42 -10.71
N ASN A 184 12.40 -10.69 -10.03
CA ASN A 184 11.88 -9.76 -9.02
C ASN A 184 12.83 -9.57 -7.84
N ILE A 185 13.46 -10.66 -7.40
CA ILE A 185 14.45 -10.61 -6.32
C ILE A 185 15.70 -9.88 -6.80
N ALA A 186 16.16 -10.21 -8.01
CA ALA A 186 17.35 -9.59 -8.60
C ALA A 186 17.22 -8.08 -8.70
N LYS A 187 16.05 -7.61 -9.13
CA LYS A 187 15.76 -6.17 -9.22
C LYS A 187 15.56 -5.56 -7.84
N TRP A 188 14.93 -6.33 -6.93
CA TRP A 188 14.67 -5.87 -5.57
C TRP A 188 15.94 -5.76 -4.73
N PHE A 189 16.86 -6.70 -4.92
CA PHE A 189 18.12 -6.70 -4.19
C PHE A 189 18.95 -5.46 -4.50
N GLU A 190 19.13 -5.18 -5.80
CA GLU A 190 19.84 -3.99 -6.25
C GLU A 190 19.17 -2.71 -5.72
N ARG A 191 17.84 -2.73 -5.70
CA ARG A 191 17.03 -1.63 -5.18
C ARG A 191 17.25 -1.42 -3.67
N THR A 192 17.15 -2.50 -2.91
CA THR A 192 17.27 -2.46 -1.45
C THR A 192 18.69 -2.11 -0.98
N LYS A 193 19.69 -2.63 -1.70
CA LYS A 193 21.08 -2.27 -1.45
C LYS A 193 21.29 -0.76 -1.47
N LYS A 194 20.79 -0.12 -2.52
CA LYS A 194 20.94 1.32 -2.70
C LYS A 194 20.11 2.12 -1.69
N MET A 195 18.94 1.60 -1.33
CA MET A 195 18.06 2.22 -0.34
C MET A 195 18.68 2.22 1.06
N LEU A 196 19.47 1.19 1.36
CA LEU A 196 20.13 1.05 2.65
C LEU A 196 21.58 1.52 2.61
N GLU A 197 22.05 1.88 1.42
CA GLU A 197 23.42 2.34 1.21
C GLU A 197 23.80 3.55 2.09
N PRO A 198 22.95 4.61 2.11
CA PRO A 198 23.27 5.74 2.99
C PRO A 198 23.02 5.44 4.47
N TYR A 199 22.55 4.24 4.77
CA TYR A 199 22.31 3.82 6.15
C TYR A 199 23.21 2.65 6.57
N GLY A 200 24.44 2.69 6.08
CA GLY A 200 25.49 1.76 6.49
C GLY A 200 25.32 0.33 6.03
N TYR A 201 25.00 0.14 4.75
CA TYR A 201 24.82 -1.19 4.20
C TYR A 201 26.14 -1.96 4.05
N ASP A 202 27.17 -1.29 3.54
CA ASP A 202 28.49 -1.90 3.37
C ASP A 202 29.15 -2.24 4.71
N GLU A 203 29.15 -1.27 5.63
CA GLU A 203 29.80 -1.44 6.93
C GLU A 203 29.11 -2.47 7.84
N ILE A 204 27.82 -2.69 7.63
CA ILE A 204 27.07 -3.65 8.45
C ILE A 204 26.84 -4.99 7.73
N ASP A 205 26.09 -4.97 6.64
CA ASP A 205 25.63 -6.20 6.01
C ASP A 205 26.69 -6.89 5.16
N VAL A 206 27.36 -6.13 4.30
CA VAL A 206 28.41 -6.67 3.43
C VAL A 206 29.60 -7.15 4.27
N THR A 207 30.03 -6.32 5.22
CA THR A 207 31.10 -6.68 6.15
C THR A 207 30.76 -7.96 6.91
N GLY A 208 29.52 -8.06 7.41
CA GLY A 208 29.04 -9.24 8.11
C GLY A 208 29.04 -10.49 7.26
N ALA A 209 28.53 -10.37 6.03
CA ALA A 209 28.45 -11.49 5.09
C ALA A 209 29.83 -12.01 4.66
N LYS A 210 30.78 -11.09 4.52
CA LYS A 210 32.15 -11.45 4.13
C LYS A 210 32.88 -12.23 5.23
N MET A 211 32.53 -11.94 6.48
CA MET A 211 33.07 -12.66 7.63
C MET A 211 32.59 -14.10 7.68
N LEU A 212 31.34 -14.33 7.26
CA LEU A 212 30.79 -15.68 7.12
C LEU A 212 31.33 -16.36 5.87
N ALA A 213 31.56 -15.58 4.81
CA ALA A 213 32.04 -16.10 3.53
C ALA A 213 33.45 -16.71 3.61
N SER A 214 34.23 -16.25 4.57
CA SER A 214 35.61 -16.72 4.75
C SER A 214 35.69 -18.17 5.25
N PHE A 215 34.58 -18.65 5.83
CA PHE A 215 34.50 -20.02 6.34
C PHE A 215 34.45 -21.08 5.24
N LEU A 216 34.00 -20.70 4.05
CA LEU A 216 33.88 -21.63 2.92
C LEU A 216 35.23 -22.06 2.36
N HIS B 1 -8.60 21.91 13.77
CA HIS B 1 -9.04 20.55 13.34
C HIS B 1 -10.40 20.59 12.65
N MET B 2 -11.28 21.47 13.13
CA MET B 2 -12.64 21.62 12.61
C MET B 2 -12.86 23.07 12.13
N PRO B 3 -13.78 23.27 11.17
CA PRO B 3 -14.08 24.64 10.70
C PRO B 3 -14.88 25.44 11.72
N VAL B 4 -14.74 26.77 11.68
CA VAL B 4 -15.44 27.67 12.61
C VAL B 4 -16.93 27.81 12.28
N GLN B 5 -17.27 27.65 11.01
CA GLN B 5 -18.67 27.65 10.55
C GLN B 5 -18.88 26.53 9.53
N PRO B 6 -20.10 25.93 9.50
CA PRO B 6 -20.40 24.86 8.55
C PRO B 6 -19.98 25.20 7.13
N ILE B 7 -19.20 24.29 6.52
CA ILE B 7 -18.71 24.48 5.17
C ILE B 7 -19.86 24.36 4.17
N LYS B 8 -20.05 25.41 3.38
CA LYS B 8 -21.14 25.45 2.40
C LYS B 8 -20.78 24.69 1.12
N LEU B 9 -21.74 23.92 0.63
CA LEU B 9 -21.58 23.20 -0.63
C LEU B 9 -22.78 23.45 -1.54
N TYR B 10 -22.53 24.14 -2.64
CA TYR B 10 -23.55 24.41 -3.64
C TYR B 10 -23.64 23.19 -4.55
N TYR B 11 -24.75 22.46 -4.43
CA TYR B 11 -24.89 21.15 -5.06
C TYR B 11 -26.26 20.94 -5.71
N LEU B 12 -26.38 19.81 -6.41
CA LEU B 12 -27.67 19.28 -6.84
C LEU B 12 -27.63 17.76 -6.65
N PRO B 13 -28.68 17.20 -6.01
CA PRO B 13 -28.71 15.77 -5.65
C PRO B 13 -28.29 14.75 -6.74
N PRO B 14 -28.76 14.91 -8.00
CA PRO B 14 -28.40 13.90 -9.00
C PRO B 14 -26.96 13.99 -9.52
N SER B 15 -26.33 15.15 -9.34
CA SER B 15 -25.00 15.42 -9.89
C SER B 15 -23.93 14.49 -9.32
N PRO B 16 -23.26 13.71 -10.20
CA PRO B 16 -22.22 12.74 -9.80
C PRO B 16 -21.03 13.34 -9.01
N PRO B 17 -20.45 14.49 -9.46
CA PRO B 17 -19.35 15.05 -8.68
C PRO B 17 -19.78 15.54 -7.29
N CYS B 18 -21.01 16.00 -7.16
CA CYS B 18 -21.57 16.45 -5.88
C CYS B 18 -21.72 15.28 -4.91
N ARG B 19 -22.13 14.13 -5.43
CA ARG B 19 -22.33 12.93 -4.64
C ARG B 19 -21.02 12.41 -4.03
N ALA B 20 -19.94 12.49 -4.80
CA ALA B 20 -18.62 12.08 -4.34
C ALA B 20 -18.11 12.93 -3.18
N VAL B 21 -18.31 14.25 -3.28
CA VAL B 21 -17.89 15.20 -2.25
C VAL B 21 -18.67 14.99 -0.95
N MET B 22 -19.98 14.78 -1.08
CA MET B 22 -20.86 14.57 0.07
C MET B 22 -20.53 13.31 0.86
N MET B 23 -20.23 12.22 0.15
CA MET B 23 -19.86 10.96 0.78
C MET B 23 -18.47 11.02 1.43
N THR B 24 -17.58 11.80 0.83
CA THR B 24 -16.23 12.00 1.38
C THR B 24 -16.31 12.74 2.72
N ALA B 25 -17.14 13.78 2.77
CA ALA B 25 -17.36 14.57 3.98
C ALA B 25 -18.00 13.76 5.10
N ARG B 26 -18.84 12.80 4.73
CA ARG B 26 -19.51 11.92 5.70
C ARG B 26 -18.53 10.99 6.42
N VAL B 27 -17.51 10.53 5.69
CA VAL B 27 -16.47 9.68 6.28
C VAL B 27 -15.60 10.49 7.25
N LEU B 28 -15.34 11.75 6.88
CA LEU B 28 -14.56 12.66 7.71
C LEU B 28 -15.37 13.26 8.86
N GLU B 29 -16.66 12.92 8.90
CA GLU B 29 -17.62 13.43 9.91
C GLU B 29 -17.73 14.95 9.86
N LEU B 30 -18.01 15.48 8.68
CA LEU B 30 -18.20 16.90 8.48
C LEU B 30 -19.61 17.19 7.97
N ASP B 31 -20.41 17.87 8.78
CA ASP B 31 -21.76 18.25 8.40
C ASP B 31 -21.71 19.52 7.57
N LEU B 32 -21.98 19.39 6.28
CA LEU B 32 -21.93 20.52 5.35
C LEU B 32 -23.24 21.28 5.30
N HIS B 33 -23.15 22.60 5.17
CA HIS B 33 -24.32 23.43 4.93
C HIS B 33 -24.71 23.27 3.46
N LEU B 34 -25.76 22.48 3.22
CA LEU B 34 -26.19 22.16 1.86
C LEU B 34 -27.07 23.25 1.27
N ILE B 35 -26.62 23.82 0.15
CA ILE B 35 -27.38 24.83 -0.57
C ILE B 35 -27.71 24.29 -1.96
N THR B 36 -29.01 24.22 -2.26
CA THR B 36 -29.49 23.71 -3.54
C THR B 36 -29.21 24.71 -4.67
N THR B 37 -28.50 24.24 -5.69
CA THR B 37 -28.20 25.05 -6.87
C THR B 37 -28.64 24.30 -8.11
N ASN B 38 -29.73 24.77 -8.71
CA ASN B 38 -30.32 24.14 -9.88
C ASN B 38 -29.84 24.77 -11.17
N ILE B 39 -29.27 23.94 -12.04
CA ILE B 39 -28.73 24.38 -13.34
C ILE B 39 -29.88 24.69 -14.30
N MET B 40 -30.96 23.91 -14.21
CA MET B 40 -32.14 24.08 -15.05
C MET B 40 -32.90 25.35 -14.67
N ASN B 41 -32.77 25.77 -13.41
CA ASN B 41 -33.41 26.99 -12.91
C ASN B 41 -32.51 28.22 -12.98
N GLY B 42 -31.28 28.02 -13.44
CA GLY B 42 -30.33 29.11 -13.67
C GLY B 42 -29.77 29.76 -12.42
N GLU B 43 -29.68 28.98 -11.35
CA GLU B 43 -29.17 29.49 -10.07
C GLU B 43 -27.64 29.60 -10.05
N HIS B 44 -27.00 29.02 -11.07
CA HIS B 44 -25.55 29.04 -11.22
C HIS B 44 -25.05 30.24 -12.06
N MET B 45 -25.97 30.93 -12.72
CA MET B 45 -25.63 32.05 -13.60
C MET B 45 -25.99 33.42 -13.03
N THR B 46 -26.21 33.47 -11.72
CA THR B 46 -26.51 34.72 -11.03
C THR B 46 -25.21 35.53 -10.84
N PRO B 47 -25.33 36.87 -10.67
CA PRO B 47 -24.15 37.71 -10.41
C PRO B 47 -23.37 37.29 -9.17
N GLU B 48 -24.07 36.73 -8.18
CA GLU B 48 -23.44 36.26 -6.94
C GLU B 48 -22.65 34.97 -7.15
N TYR B 49 -23.19 34.08 -7.99
CA TYR B 49 -22.55 32.79 -8.27
C TYR B 49 -21.34 32.93 -9.20
N LEU B 50 -21.41 33.89 -10.13
CA LEU B 50 -20.34 34.12 -11.09
C LEU B 50 -19.10 34.75 -10.46
N LYS B 51 -19.30 35.64 -9.50
CA LYS B 51 -18.19 36.26 -8.77
C LYS B 51 -17.48 35.24 -7.88
N MET B 52 -18.25 34.32 -7.32
CA MET B 52 -17.73 33.21 -6.53
C MET B 52 -17.08 32.15 -7.42
N ASN B 53 -17.79 31.75 -8.47
CA ASN B 53 -17.31 30.75 -9.41
C ASN B 53 -17.60 31.14 -10.86
N PRO B 54 -16.58 31.65 -11.57
CA PRO B 54 -16.72 32.05 -12.98
C PRO B 54 -16.99 30.88 -13.93
N GLN B 55 -16.62 29.67 -13.52
CA GLN B 55 -16.88 28.47 -14.30
C GLN B 55 -18.33 27.99 -14.22
N HIS B 56 -19.08 28.56 -13.28
CA HIS B 56 -20.50 28.25 -13.06
C HIS B 56 -20.81 26.75 -13.11
N THR B 57 -20.16 26.00 -12.23
CA THR B 57 -20.31 24.55 -12.16
C THR B 57 -20.72 24.09 -10.76
N ILE B 58 -21.16 22.84 -10.67
CA ILE B 58 -21.42 22.19 -9.39
C ILE B 58 -20.56 20.93 -9.26
N PRO B 59 -20.05 20.66 -8.04
CA PRO B 59 -20.23 21.42 -6.82
C PRO B 59 -19.28 22.60 -6.66
N THR B 60 -19.67 23.57 -5.83
CA THR B 60 -18.79 24.65 -5.43
C THR B 60 -18.73 24.71 -3.90
N MET B 61 -17.52 24.66 -3.36
CA MET B 61 -17.32 24.64 -1.92
C MET B 61 -16.96 26.02 -1.39
N ASP B 62 -17.66 26.43 -0.32
CA ASP B 62 -17.34 27.66 0.40
C ASP B 62 -16.97 27.34 1.84
N ASP B 63 -15.68 27.46 2.15
CA ASP B 63 -15.17 27.21 3.48
C ASP B 63 -14.67 28.52 4.10
N ASN B 64 -15.61 29.27 4.70
CA ASN B 64 -15.33 30.53 5.37
C ASN B 64 -14.52 31.52 4.52
N GLY B 65 -14.89 31.65 3.25
CA GLY B 65 -14.20 32.54 2.32
C GLY B 65 -13.42 31.82 1.25
N PHE B 66 -12.89 30.63 1.61
CA PHE B 66 -12.10 29.83 0.68
C PHE B 66 -12.97 29.12 -0.34
N ILE B 67 -12.90 29.60 -1.58
CA ILE B 67 -13.73 29.07 -2.66
C ILE B 67 -12.96 28.03 -3.47
N LEU B 68 -13.62 26.90 -3.71
CA LEU B 68 -13.01 25.79 -4.44
C LEU B 68 -14.07 25.00 -5.19
N TRP B 69 -13.78 24.66 -6.43
CA TRP B 69 -14.60 23.72 -7.20
C TRP B 69 -13.73 22.65 -7.86
N GLU B 70 -14.32 21.82 -8.72
CA GLU B 70 -13.70 20.57 -9.19
C GLU B 70 -13.74 19.56 -8.05
N SER B 71 -14.65 18.59 -8.17
CA SER B 71 -14.96 17.64 -7.09
C SER B 71 -13.75 16.98 -6.43
N ARG B 72 -12.82 16.50 -7.25
CA ARG B 72 -11.66 15.74 -6.76
C ARG B 72 -10.67 16.60 -5.96
N ALA B 73 -10.61 17.90 -6.29
CA ALA B 73 -9.81 18.85 -5.52
C ALA B 73 -10.42 19.13 -4.15
N ILE B 74 -11.75 19.12 -4.08
CA ILE B 74 -12.49 19.31 -2.84
C ILE B 74 -12.29 18.12 -1.89
N GLN B 75 -12.41 16.91 -2.45
CA GLN B 75 -12.21 15.66 -1.70
C GLN B 75 -10.85 15.62 -1.03
N THR B 76 -9.81 15.95 -1.78
CA THR B 76 -8.44 15.93 -1.28
C THR B 76 -8.20 17.01 -0.22
N TYR B 77 -8.81 18.18 -0.43
CA TYR B 77 -8.69 19.29 0.51
C TYR B 77 -9.29 18.97 1.88
N LEU B 78 -10.48 18.37 1.87
CA LEU B 78 -11.21 18.08 3.10
C LEU B 78 -10.51 17.05 4.00
N VAL B 79 -9.79 16.10 3.38
CA VAL B 79 -9.01 15.11 4.11
C VAL B 79 -7.72 15.73 4.65
N ASN B 80 -7.06 16.55 3.83
CA ASN B 80 -5.80 17.19 4.20
C ASN B 80 -5.95 18.22 5.32
N ALA B 81 -7.08 18.92 5.34
CA ALA B 81 -7.32 20.00 6.31
C ALA B 81 -8.08 19.56 7.55
N TYR B 82 -9.12 18.75 7.36
CA TYR B 82 -10.03 18.41 8.45
C TYR B 82 -10.10 16.91 8.79
N GLY B 83 -9.22 16.12 8.18
CA GLY B 83 -9.16 14.69 8.43
C GLY B 83 -8.52 14.35 9.77
N LYS B 84 -9.19 13.52 10.56
CA LYS B 84 -8.68 13.05 11.85
C LYS B 84 -7.39 12.24 11.66
N ASP B 85 -7.34 11.51 10.55
CA ASP B 85 -6.14 10.82 10.10
C ASP B 85 -6.04 10.91 8.57
N ASP B 86 -4.93 10.44 8.01
CA ASP B 86 -4.72 10.49 6.56
C ASP B 86 -5.07 9.18 5.86
N SER B 87 -6.03 8.44 6.43
CA SER B 87 -6.38 7.10 5.94
C SER B 87 -6.93 7.09 4.52
N LEU B 88 -7.81 8.05 4.21
CA LEU B 88 -8.41 8.17 2.89
C LEU B 88 -7.45 8.76 1.86
N TYR B 89 -6.54 9.61 2.32
CA TYR B 89 -5.60 10.29 1.44
C TYR B 89 -4.26 10.49 2.15
N PRO B 90 -3.41 9.44 2.18
CA PRO B 90 -2.15 9.44 2.92
C PRO B 90 -1.11 10.43 2.39
N LYS B 91 -0.35 11.00 3.31
CA LYS B 91 0.70 11.96 2.98
C LYS B 91 1.89 11.30 2.30
N ASN B 92 2.07 10.00 2.54
CA ASN B 92 3.14 9.21 1.91
C ASN B 92 3.15 9.38 0.39
N PRO B 93 4.27 9.86 -0.17
CA PRO B 93 4.39 10.23 -1.58
C PRO B 93 3.94 9.14 -2.56
N ARG B 94 4.40 7.91 -2.36
CA ARG B 94 4.08 6.80 -3.27
C ARG B 94 2.63 6.33 -3.16
N GLN B 95 2.10 6.35 -1.93
CA GLN B 95 0.71 5.97 -1.69
C GLN B 95 -0.25 7.03 -2.22
N ARG B 96 0.14 8.31 -2.08
CA ARG B 96 -0.66 9.42 -2.60
C ARG B 96 -0.63 9.47 -4.13
N ALA B 97 0.52 9.14 -4.71
CA ALA B 97 0.71 9.15 -6.17
C ALA B 97 -0.26 8.20 -6.89
N ILE B 98 -0.46 7.00 -6.34
CA ILE B 98 -1.38 6.02 -6.91
C ILE B 98 -2.82 6.55 -6.87
N ILE B 99 -3.23 7.11 -5.73
CA ILE B 99 -4.56 7.72 -5.58
C ILE B 99 -4.75 8.85 -6.58
N ASP B 100 -3.75 9.72 -6.70
CA ASP B 100 -3.78 10.84 -7.64
C ASP B 100 -3.91 10.37 -9.09
N GLN B 101 -3.28 9.25 -9.41
CA GLN B 101 -3.42 8.65 -10.74
C GLN B 101 -4.84 8.12 -10.94
N ARG B 102 -5.39 7.48 -9.92
CA ARG B 102 -6.77 6.97 -9.95
C ARG B 102 -7.79 8.11 -10.02
N LEU B 103 -7.46 9.23 -9.38
CA LEU B 103 -8.28 10.44 -9.47
C LEU B 103 -8.21 11.05 -10.86
N ASN B 104 -7.01 11.06 -11.44
CA ASN B 104 -6.79 11.53 -12.81
C ASN B 104 -7.45 10.61 -13.84
N PHE B 105 -7.37 9.30 -13.59
CA PHE B 105 -8.01 8.29 -14.42
C PHE B 105 -9.53 8.45 -14.39
N ASP B 106 -10.07 8.74 -13.21
CA ASP B 106 -11.50 8.92 -13.03
C ASP B 106 -12.02 10.13 -13.80
N LEU B 107 -11.36 11.28 -13.64
CA LEU B 107 -11.78 12.51 -14.32
C LEU B 107 -11.50 12.47 -15.82
N GLY B 108 -10.26 12.16 -16.18
CA GLY B 108 -9.81 12.23 -17.56
C GLY B 108 -10.27 11.11 -18.48
N THR B 109 -10.58 9.95 -17.90
CA THR B 109 -10.92 8.77 -18.70
C THR B 109 -12.30 8.18 -18.39
N LEU B 110 -12.52 7.77 -17.14
CA LEU B 110 -13.74 7.06 -16.76
C LEU B 110 -15.00 7.93 -16.83
N TYR B 111 -14.99 9.05 -16.11
CA TYR B 111 -16.14 9.94 -16.07
C TYR B 111 -16.38 10.66 -17.40
N LEU B 112 -15.31 10.87 -18.16
CA LEU B 112 -15.42 11.45 -19.51
C LEU B 112 -16.16 10.51 -20.46
N ARG B 113 -15.71 9.26 -20.51
CA ARG B 113 -16.31 8.25 -21.40
C ARG B 113 -17.71 7.82 -20.93
N TYR B 114 -17.98 8.06 -19.64
CA TYR B 114 -19.33 7.89 -19.09
C TYR B 114 -20.27 8.97 -19.63
N LEU B 115 -19.79 10.22 -19.65
CA LEU B 115 -20.57 11.35 -20.15
C LEU B 115 -20.82 11.27 -21.65
N ASN B 116 -19.78 10.88 -22.40
CA ASN B 116 -19.88 10.75 -23.86
C ASN B 116 -20.88 9.69 -24.31
N LEU B 117 -21.16 8.73 -23.44
CA LEU B 117 -22.10 7.64 -23.73
C LEU B 117 -23.52 7.93 -23.25
N TYR B 118 -23.64 8.42 -22.01
CA TYR B 118 -24.95 8.55 -21.35
C TYR B 118 -25.63 9.91 -21.47
N THR B 119 -24.85 10.98 -21.61
CA THR B 119 -25.42 12.33 -21.77
C THR B 119 -26.32 12.45 -23.01
N PRO B 120 -25.91 11.86 -24.16
CA PRO B 120 -26.82 11.82 -25.32
C PRO B 120 -28.09 11.01 -25.08
N ILE B 121 -28.01 9.98 -24.25
CA ILE B 121 -29.17 9.13 -23.95
C ILE B 121 -30.13 9.79 -22.97
N LEU B 122 -29.58 10.32 -21.87
CA LEU B 122 -30.38 10.87 -20.78
C LEU B 122 -31.07 12.20 -21.12
N PHE B 123 -30.35 13.10 -21.77
CA PHE B 123 -30.80 14.48 -21.95
C PHE B 123 -31.17 14.83 -23.40
N ARG B 124 -30.50 14.19 -24.35
CA ARG B 124 -30.72 14.46 -25.77
C ARG B 124 -31.71 13.48 -26.40
N GLY B 125 -32.00 12.39 -25.70
CA GLY B 125 -32.93 11.37 -26.17
C GLY B 125 -32.44 10.64 -27.41
N GLU B 126 -31.13 10.40 -27.47
CA GLU B 126 -30.50 9.77 -28.63
C GLU B 126 -30.34 8.26 -28.42
N ALA B 127 -30.00 7.57 -29.51
CA ALA B 127 -29.81 6.12 -29.48
C ALA B 127 -28.53 5.71 -28.74
N TYR B 128 -28.47 4.45 -28.34
CA TYR B 128 -27.31 3.87 -27.68
C TYR B 128 -26.18 3.68 -28.69
N ASP B 129 -25.16 4.53 -28.59
CA ASP B 129 -24.03 4.52 -29.53
C ASP B 129 -23.06 3.39 -29.19
N GLN B 130 -22.73 2.58 -30.20
CA GLN B 130 -21.87 1.41 -30.04
C GLN B 130 -20.40 1.81 -29.87
N GLU B 131 -19.97 2.83 -30.61
CA GLU B 131 -18.59 3.32 -30.57
C GLU B 131 -18.25 3.93 -29.20
N LYS B 132 -19.19 4.70 -28.65
CA LYS B 132 -19.03 5.32 -27.34
C LYS B 132 -19.11 4.28 -26.21
N ALA B 133 -19.86 3.21 -26.45
CA ALA B 133 -20.00 2.12 -25.49
C ALA B 133 -18.70 1.32 -25.37
N ASP B 134 -18.11 0.98 -26.51
CA ASP B 134 -16.85 0.23 -26.56
C ASP B 134 -15.69 0.97 -25.89
N LYS B 135 -15.69 2.30 -26.01
CA LYS B 135 -14.69 3.14 -25.35
C LYS B 135 -14.85 3.07 -23.83
N PHE B 136 -16.09 3.12 -23.36
CA PHE B 136 -16.40 2.99 -21.94
C PHE B 136 -16.14 1.59 -21.41
N ASP B 137 -16.34 0.59 -22.26
CA ASP B 137 -16.01 -0.81 -21.94
C ASP B 137 -14.51 -0.96 -21.68
N GLU B 138 -13.70 -0.28 -22.50
CA GLU B 138 -12.25 -0.31 -22.38
C GLU B 138 -11.77 0.36 -21.10
N ALA B 139 -12.49 1.40 -20.67
CA ALA B 139 -12.21 2.10 -19.42
C ALA B 139 -12.50 1.23 -18.20
N LEU B 140 -13.55 0.41 -18.30
CA LEU B 140 -13.88 -0.56 -17.25
C LEU B 140 -12.88 -1.71 -17.25
N GLY B 141 -12.44 -2.11 -18.44
CA GLY B 141 -11.40 -3.13 -18.59
C GLY B 141 -10.12 -2.74 -17.88
N TRP B 142 -9.73 -1.47 -17.98
CA TRP B 142 -8.55 -0.95 -17.31
C TRP B 142 -8.76 -0.88 -15.80
N LEU B 143 -9.96 -0.47 -15.38
CA LEU B 143 -10.34 -0.40 -13.97
C LEU B 143 -10.34 -1.79 -13.32
N ASN B 144 -10.76 -2.79 -14.09
CA ASN B 144 -10.73 -4.18 -13.64
C ASN B 144 -9.32 -4.69 -13.40
N THR B 145 -8.37 -4.20 -14.20
CA THR B 145 -6.96 -4.56 -14.08
C THR B 145 -6.29 -3.87 -12.88
N PHE B 146 -6.76 -2.67 -12.54
CA PHE B 146 -6.24 -1.93 -11.37
C PHE B 146 -6.64 -2.61 -10.07
N LEU B 147 -7.76 -3.33 -10.11
CA LEU B 147 -8.29 -4.04 -8.94
C LEU B 147 -7.78 -5.48 -8.85
N ASP B 148 -6.86 -5.84 -9.74
CA ASP B 148 -6.25 -7.16 -9.75
C ASP B 148 -5.26 -7.28 -8.59
N GLY B 149 -5.59 -8.15 -7.62
CA GLY B 149 -4.76 -8.34 -6.44
C GLY B 149 -4.89 -7.23 -5.41
N ARG B 150 -5.92 -6.41 -5.56
CA ARG B 150 -6.21 -5.29 -4.65
C ARG B 150 -7.69 -5.25 -4.28
N PRO B 151 -8.01 -5.05 -2.99
CA PRO B 151 -9.40 -4.88 -2.57
C PRO B 151 -9.98 -3.51 -2.97
N PHE B 152 -9.11 -2.52 -3.13
CA PHE B 152 -9.52 -1.18 -3.56
C PHE B 152 -8.61 -0.65 -4.68
N VAL B 153 -9.05 0.42 -5.32
CA VAL B 153 -8.39 0.93 -6.54
C VAL B 153 -6.94 1.41 -6.34
N ALA B 154 -6.65 1.95 -5.15
CA ALA B 154 -5.35 2.52 -4.85
C ALA B 154 -4.44 1.56 -4.07
N GLY B 155 -5.03 0.64 -3.33
CA GLY B 155 -4.27 -0.31 -2.53
C GLY B 155 -5.15 -1.20 -1.66
N GLU B 156 -4.80 -1.27 -0.38
CA GLU B 156 -5.48 -2.18 0.55
C GLU B 156 -6.66 -1.54 1.27
N ASN B 157 -6.65 -0.22 1.39
CA ASN B 157 -7.70 0.51 2.08
C ASN B 157 -8.54 1.36 1.14
N MET B 158 -9.77 1.66 1.55
CA MET B 158 -10.64 2.57 0.81
C MET B 158 -10.11 4.00 0.88
N THR B 159 -10.03 4.63 -0.29
CA THR B 159 -9.51 5.99 -0.40
C THR B 159 -10.53 6.91 -1.06
N VAL B 160 -10.17 8.18 -1.20
CA VAL B 160 -11.02 9.17 -1.88
C VAL B 160 -11.23 8.85 -3.36
N ALA B 161 -10.33 8.03 -3.91
CA ALA B 161 -10.45 7.56 -5.29
C ALA B 161 -11.56 6.54 -5.44
N ASP B 162 -11.77 5.72 -4.41
CA ASP B 162 -12.85 4.74 -4.40
C ASP B 162 -14.22 5.43 -4.34
N ILE B 163 -14.30 6.48 -3.53
CA ILE B 163 -15.55 7.21 -3.30
C ILE B 163 -16.06 7.88 -4.58
N THR B 164 -15.15 8.44 -5.37
CA THR B 164 -15.53 9.12 -6.61
C THR B 164 -15.83 8.14 -7.76
N ILE B 165 -15.06 7.06 -7.85
CA ILE B 165 -15.22 6.07 -8.92
C ILE B 165 -16.53 5.27 -8.78
N VAL B 166 -16.90 4.93 -7.56
CA VAL B 166 -18.12 4.16 -7.29
C VAL B 166 -19.41 4.88 -7.74
N VAL B 167 -19.38 6.21 -7.76
CA VAL B 167 -20.51 7.01 -8.21
C VAL B 167 -20.88 6.67 -9.66
N THR B 168 -19.86 6.54 -10.51
CA THR B 168 -20.04 6.18 -11.91
C THR B 168 -20.60 4.76 -12.06
N ILE B 169 -20.11 3.83 -11.22
CA ILE B 169 -20.58 2.45 -11.25
C ILE B 169 -22.00 2.34 -10.70
N THR B 170 -22.33 3.17 -9.72
CA THR B 170 -23.70 3.25 -9.18
C THR B 170 -24.67 3.73 -10.26
N ASN B 171 -24.24 4.75 -11.01
CA ASN B 171 -25.05 5.31 -12.10
C ASN B 171 -25.36 4.28 -13.18
N ILE B 172 -24.33 3.61 -13.68
CA ILE B 172 -24.48 2.63 -14.76
C ILE B 172 -25.25 1.38 -14.32
N ASP B 173 -25.13 1.02 -13.04
CA ASP B 173 -25.91 -0.08 -12.47
C ASP B 173 -27.40 0.26 -12.45
N ALA B 174 -27.70 1.54 -12.21
CA ALA B 174 -29.08 2.03 -12.22
C ALA B 174 -29.62 2.21 -13.64
N PHE B 175 -28.71 2.38 -14.60
CA PHE B 175 -29.10 2.58 -16.01
C PHE B 175 -29.28 1.25 -16.76
N GLY B 176 -29.09 0.14 -16.07
CA GLY B 176 -29.26 -1.18 -16.66
C GLY B 176 -28.04 -1.71 -17.39
N TYR B 177 -26.90 -1.05 -17.19
CA TYR B 177 -25.64 -1.49 -17.77
C TYR B 177 -25.09 -2.68 -16.99
N ASP B 178 -24.65 -3.70 -17.71
CA ASP B 178 -24.10 -4.90 -17.10
C ASP B 178 -22.57 -4.91 -17.16
N PHE B 179 -21.95 -4.94 -15.98
CA PHE B 179 -20.49 -5.00 -15.86
C PHE B 179 -20.03 -6.31 -15.20
N SER B 180 -20.87 -7.34 -15.30
CA SER B 180 -20.62 -8.64 -14.66
C SER B 180 -19.42 -9.38 -15.25
N SER B 181 -19.09 -9.07 -16.50
CA SER B 181 -17.92 -9.67 -17.17
C SER B 181 -16.59 -9.20 -16.56
N HIS B 182 -16.63 -8.08 -15.87
CA HIS B 182 -15.49 -7.58 -15.10
C HIS B 182 -15.63 -8.05 -13.65
N GLU B 183 -14.99 -9.17 -13.33
CA GLU B 183 -15.15 -9.83 -12.03
C GLU B 183 -14.64 -9.00 -10.86
N ASN B 184 -13.51 -8.31 -11.05
CA ASN B 184 -12.93 -7.49 -9.99
C ASN B 184 -13.79 -6.27 -9.62
N ILE B 185 -14.40 -5.64 -10.63
CA ILE B 185 -15.27 -4.48 -10.41
C ILE B 185 -16.55 -4.88 -9.67
N ALA B 186 -17.14 -6.01 -10.09
CA ALA B 186 -18.36 -6.53 -9.47
C ALA B 186 -18.17 -6.83 -7.98
N LYS B 187 -17.01 -7.37 -7.62
CA LYS B 187 -16.67 -7.65 -6.23
C LYS B 187 -16.37 -6.36 -5.46
N TRP B 188 -15.64 -5.45 -6.12
CA TRP B 188 -15.29 -4.15 -5.53
C TRP B 188 -16.52 -3.26 -5.31
N PHE B 189 -17.49 -3.35 -6.21
CA PHE B 189 -18.72 -2.57 -6.12
C PHE B 189 -19.56 -2.99 -4.90
N GLU B 190 -19.73 -4.30 -4.72
CA GLU B 190 -20.45 -4.84 -3.55
C GLU B 190 -19.72 -4.50 -2.25
N ARG B 191 -18.39 -4.49 -2.33
CA ARG B 191 -17.51 -4.15 -1.20
C ARG B 191 -17.65 -2.68 -0.80
N THR B 192 -17.53 -1.78 -1.78
CA THR B 192 -17.55 -0.34 -1.56
C THR B 192 -18.93 0.18 -1.15
N LYS B 193 -19.98 -0.48 -1.65
CA LYS B 193 -21.36 -0.18 -1.24
C LYS B 193 -21.52 -0.34 0.27
N LYS B 194 -20.99 -1.45 0.80
CA LYS B 194 -21.08 -1.76 2.22
C LYS B 194 -20.12 -0.92 3.06
N MET B 195 -18.99 -0.52 2.47
CA MET B 195 -18.03 0.36 3.12
C MET B 195 -18.59 1.76 3.34
N LEU B 196 -19.29 2.28 2.33
CA LEU B 196 -19.88 3.62 2.40
C LEU B 196 -21.30 3.60 2.98
N GLU B 197 -21.83 2.41 3.21
CA GLU B 197 -23.18 2.21 3.73
C GLU B 197 -23.48 2.97 5.04
N PRO B 198 -22.56 2.93 6.03
CA PRO B 198 -22.80 3.74 7.23
C PRO B 198 -22.47 5.23 7.05
N TYR B 199 -22.04 5.62 5.85
CA TYR B 199 -21.71 7.01 5.55
C TYR B 199 -22.64 7.60 4.49
N GLY B 200 -23.90 7.18 4.54
CA GLY B 200 -24.95 7.74 3.70
C GLY B 200 -24.88 7.41 2.23
N TYR B 201 -24.40 6.21 1.90
CA TYR B 201 -24.34 5.75 0.51
C TYR B 201 -25.73 5.74 -0.13
N ASP B 202 -26.73 5.35 0.65
CA ASP B 202 -28.09 5.20 0.15
C ASP B 202 -28.78 6.54 -0.07
N GLU B 203 -28.63 7.45 0.88
CA GLU B 203 -29.29 8.77 0.79
C GLU B 203 -28.57 9.75 -0.15
N ILE B 204 -27.31 9.46 -0.47
CA ILE B 204 -26.54 10.31 -1.38
C ILE B 204 -26.42 9.70 -2.78
N ASP B 205 -25.85 8.51 -2.87
CA ASP B 205 -25.48 7.93 -4.17
C ASP B 205 -26.65 7.25 -4.91
N VAL B 206 -27.44 6.46 -4.19
CA VAL B 206 -28.58 5.75 -4.78
C VAL B 206 -29.72 6.72 -5.12
N THR B 207 -29.93 7.71 -4.26
CA THR B 207 -30.93 8.75 -4.48
C THR B 207 -30.61 9.56 -5.73
N GLY B 208 -29.34 9.94 -5.87
CA GLY B 208 -28.85 10.68 -7.04
C GLY B 208 -28.93 9.87 -8.32
N ALA B 209 -28.63 8.57 -8.23
CA ALA B 209 -28.67 7.67 -9.38
C ALA B 209 -30.09 7.41 -9.86
N LYS B 210 -31.03 7.27 -8.92
CA LYS B 210 -32.44 7.07 -9.25
C LYS B 210 -33.06 8.31 -9.91
N MET B 211 -32.56 9.48 -9.52
CA MET B 211 -33.00 10.76 -10.10
C MET B 211 -32.55 10.91 -11.56
N LEU B 212 -31.35 10.39 -11.85
CA LEU B 212 -30.83 10.38 -13.22
C LEU B 212 -31.50 9.31 -14.07
N ALA B 213 -31.82 8.17 -13.44
CA ALA B 213 -32.43 7.03 -14.13
C ALA B 213 -33.84 7.32 -14.64
N SER B 214 -34.52 8.27 -14.01
CA SER B 214 -35.88 8.66 -14.40
C SER B 214 -35.93 9.38 -15.74
N PHE B 215 -34.78 9.84 -16.22
CA PHE B 215 -34.65 10.47 -17.52
C PHE B 215 -34.71 9.46 -18.68
N LEU B 216 -34.48 8.18 -18.36
CA LEU B 216 -34.50 7.11 -19.36
C LEU B 216 -35.92 6.78 -19.82
N HIS C 1 -14.87 -0.33 11.89
CA HIS C 1 -14.76 -1.00 13.21
C HIS C 1 -15.11 -2.48 13.11
N MET C 2 -16.01 -2.82 12.19
CA MET C 2 -16.41 -4.20 11.93
C MET C 2 -16.26 -4.52 10.43
N PRO C 3 -16.00 -5.81 10.09
CA PRO C 3 -15.91 -6.19 8.68
C PRO C 3 -17.27 -6.15 7.98
N VAL C 4 -17.27 -5.77 6.72
CA VAL C 4 -18.50 -5.56 5.94
C VAL C 4 -19.27 -6.85 5.64
N GLN C 5 -18.54 -7.95 5.50
CA GLN C 5 -19.12 -9.28 5.35
C GLN C 5 -18.31 -10.27 6.19
N PRO C 6 -18.92 -11.41 6.57
CA PRO C 6 -18.18 -12.44 7.30
C PRO C 6 -16.82 -12.75 6.65
N ILE C 7 -15.77 -12.70 7.45
CA ILE C 7 -14.41 -12.97 6.99
C ILE C 7 -14.24 -14.46 6.72
N LYS C 8 -13.85 -14.79 5.49
CA LYS C 8 -13.64 -16.18 5.09
C LYS C 8 -12.31 -16.70 5.62
N LEU C 9 -12.32 -17.91 6.15
CA LEU C 9 -11.09 -18.57 6.59
C LEU C 9 -10.95 -19.96 5.98
N TYR C 10 -10.02 -20.09 5.03
CA TYR C 10 -9.71 -21.37 4.42
C TYR C 10 -8.89 -22.18 5.42
N TYR C 11 -9.55 -23.13 6.05
CA TYR C 11 -9.00 -23.82 7.23
C TYR C 11 -9.10 -25.33 7.14
N LEU C 12 -8.57 -26.00 8.15
CA LEU C 12 -8.80 -27.42 8.38
C LEU C 12 -8.90 -27.63 9.89
N PRO C 13 -9.96 -28.32 10.35
CA PRO C 13 -10.26 -28.46 11.79
C PRO C 13 -9.09 -28.83 12.72
N PRO C 14 -8.25 -29.82 12.33
CA PRO C 14 -7.17 -30.20 13.26
C PRO C 14 -5.95 -29.27 13.24
N SER C 15 -5.85 -28.42 12.21
CA SER C 15 -4.68 -27.58 11.98
C SER C 15 -4.43 -26.57 13.11
N PRO C 16 -3.25 -26.65 13.76
CA PRO C 16 -2.90 -25.76 14.87
C PRO C 16 -2.93 -24.26 14.55
N PRO C 17 -2.32 -23.80 13.44
CA PRO C 17 -2.40 -22.37 13.13
C PRO C 17 -3.84 -21.88 12.87
N CYS C 18 -4.65 -22.75 12.25
CA CYS C 18 -6.08 -22.45 12.04
C CYS C 18 -6.81 -22.29 13.38
N ARG C 19 -6.53 -23.20 14.31
CA ARG C 19 -7.15 -23.19 15.65
C ARG C 19 -6.87 -21.91 16.43
N ALA C 20 -5.64 -21.39 16.31
CA ALA C 20 -5.24 -20.16 16.97
C ALA C 20 -5.99 -18.94 16.44
N VAL C 21 -6.20 -18.90 15.12
CA VAL C 21 -6.95 -17.82 14.47
C VAL C 21 -8.43 -17.85 14.90
N MET C 22 -9.01 -19.06 14.94
CA MET C 22 -10.42 -19.24 15.28
C MET C 22 -10.75 -18.80 16.71
N MET C 23 -9.90 -19.15 17.66
CA MET C 23 -10.09 -18.77 19.06
C MET C 23 -9.92 -17.27 19.27
N THR C 24 -8.93 -16.68 18.61
CA THR C 24 -8.68 -15.24 18.65
C THR C 24 -9.89 -14.44 18.17
N ALA C 25 -10.47 -14.88 17.05
CA ALA C 25 -11.66 -14.25 16.47
C ALA C 25 -12.89 -14.37 17.37
N ARG C 26 -12.96 -15.44 18.15
CA ARG C 26 -14.04 -15.63 19.13
C ARG C 26 -13.96 -14.62 20.27
N VAL C 27 -12.74 -14.36 20.76
CA VAL C 27 -12.51 -13.37 21.82
C VAL C 27 -12.85 -11.95 21.33
N LEU C 28 -12.56 -11.68 20.06
CA LEU C 28 -12.87 -10.39 19.44
C LEU C 28 -14.32 -10.32 18.96
N GLU C 29 -15.08 -11.40 19.19
CA GLU C 29 -16.49 -11.51 18.81
C GLU C 29 -16.70 -11.38 17.30
N LEU C 30 -15.73 -11.88 16.53
CA LEU C 30 -15.81 -11.93 15.08
C LEU C 30 -16.25 -13.31 14.61
N ASP C 31 -17.30 -13.36 13.80
CA ASP C 31 -17.75 -14.62 13.20
C ASP C 31 -17.05 -14.86 11.87
N LEU C 32 -16.48 -16.05 11.72
CA LEU C 32 -15.73 -16.40 10.52
C LEU C 32 -16.53 -17.33 9.62
N HIS C 33 -16.52 -17.02 8.32
CA HIS C 33 -17.10 -17.91 7.31
C HIS C 33 -16.09 -19.02 7.04
N LEU C 34 -16.25 -20.13 7.76
CA LEU C 34 -15.32 -21.25 7.68
C LEU C 34 -15.51 -22.07 6.40
N ILE C 35 -14.41 -22.26 5.67
CA ILE C 35 -14.40 -23.06 4.44
C ILE C 35 -13.30 -24.11 4.53
N THR C 36 -13.70 -25.38 4.49
CA THR C 36 -12.76 -26.50 4.59
C THR C 36 -11.89 -26.62 3.34
N THR C 37 -10.60 -26.88 3.55
CA THR C 37 -9.64 -27.01 2.47
C THR C 37 -8.77 -28.24 2.70
N ASN C 38 -9.01 -29.30 1.91
CA ASN C 38 -8.31 -30.57 2.07
C ASN C 38 -6.89 -30.53 1.51
N ILE C 39 -5.95 -31.04 2.29
CA ILE C 39 -4.53 -31.06 1.92
C ILE C 39 -4.19 -32.24 1.01
N MET C 40 -4.71 -33.42 1.36
CA MET C 40 -4.46 -34.64 0.58
C MET C 40 -5.10 -34.58 -0.81
N ASN C 41 -6.28 -33.98 -0.89
CA ASN C 41 -6.98 -33.80 -2.16
C ASN C 41 -6.35 -32.73 -3.06
N GLY C 42 -5.56 -31.85 -2.45
CA GLY C 42 -4.91 -30.77 -3.17
C GLY C 42 -5.85 -29.62 -3.47
N GLU C 43 -6.75 -29.33 -2.53
CA GLU C 43 -7.68 -28.20 -2.66
C GLU C 43 -6.95 -26.87 -2.50
N HIS C 44 -5.77 -26.92 -1.88
CA HIS C 44 -4.90 -25.76 -1.74
C HIS C 44 -3.99 -25.59 -2.95
N MET C 45 -3.96 -26.60 -3.82
CA MET C 45 -3.10 -26.59 -5.01
C MET C 45 -3.84 -26.22 -6.29
N THR C 46 -5.07 -25.74 -6.16
CA THR C 46 -5.88 -25.32 -7.31
C THR C 46 -5.40 -23.97 -7.85
N PRO C 47 -5.65 -23.69 -9.15
CA PRO C 47 -5.30 -22.39 -9.74
C PRO C 47 -5.93 -21.20 -9.03
N GLU C 48 -7.10 -21.41 -8.42
CA GLU C 48 -7.80 -20.36 -7.67
C GLU C 48 -7.12 -20.09 -6.32
N TYR C 49 -6.64 -21.15 -5.69
CA TYR C 49 -5.98 -21.04 -4.38
C TYR C 49 -4.58 -20.47 -4.50
N LEU C 50 -3.86 -20.86 -5.55
CA LEU C 50 -2.49 -20.38 -5.80
C LEU C 50 -2.44 -18.88 -6.08
N LYS C 51 -3.45 -18.37 -6.78
CA LYS C 51 -3.54 -16.94 -7.08
C LYS C 51 -3.82 -16.14 -5.79
N MET C 52 -4.63 -16.72 -4.91
CA MET C 52 -4.94 -16.13 -3.62
C MET C 52 -3.76 -16.26 -2.65
N ASN C 53 -3.20 -17.46 -2.58
CA ASN C 53 -2.08 -17.76 -1.71
C ASN C 53 -1.05 -18.65 -2.44
N PRO C 54 0.03 -18.03 -2.96
CA PRO C 54 1.10 -18.74 -3.69
C PRO C 54 1.87 -19.75 -2.84
N GLN C 55 1.82 -19.59 -1.51
CA GLN C 55 2.44 -20.53 -0.58
C GLN C 55 1.60 -21.78 -0.34
N HIS C 56 0.34 -21.75 -0.80
CA HIS C 56 -0.63 -22.85 -0.60
C HIS C 56 -0.62 -23.43 0.82
N THR C 57 -0.95 -22.58 1.80
CA THR C 57 -0.97 -22.98 3.21
C THR C 57 -2.33 -22.75 3.86
N ILE C 58 -2.49 -23.30 5.07
CA ILE C 58 -3.65 -23.03 5.92
C ILE C 58 -3.18 -22.51 7.28
N PRO C 59 -3.90 -21.53 7.86
CA PRO C 59 -5.11 -20.91 7.32
C PRO C 59 -4.83 -19.80 6.31
N THR C 60 -5.84 -19.51 5.48
CA THR C 60 -5.80 -18.35 4.61
C THR C 60 -7.03 -17.49 4.88
N MET C 61 -6.77 -16.27 5.34
CA MET C 61 -7.83 -15.32 5.68
C MET C 61 -8.23 -14.53 4.44
N ASP C 62 -9.53 -14.38 4.24
CA ASP C 62 -10.07 -13.53 3.19
C ASP C 62 -11.03 -12.51 3.82
N ASP C 63 -10.48 -11.34 4.14
CA ASP C 63 -11.26 -10.23 4.67
C ASP C 63 -11.68 -9.31 3.54
N ASN C 64 -12.70 -9.74 2.79
CA ASN C 64 -13.30 -8.96 1.70
C ASN C 64 -12.28 -8.39 0.74
N GLY C 65 -11.53 -9.28 0.08
CA GLY C 65 -10.51 -8.87 -0.88
C GLY C 65 -9.11 -8.82 -0.29
N PHE C 66 -9.02 -8.53 0.99
CA PHE C 66 -7.73 -8.48 1.69
C PHE C 66 -7.29 -9.88 2.13
N ILE C 67 -6.28 -10.41 1.43
CA ILE C 67 -5.79 -11.76 1.67
C ILE C 67 -4.60 -11.75 2.62
N LEU C 68 -4.61 -12.71 3.56
CA LEU C 68 -3.54 -12.83 4.53
C LEU C 68 -3.43 -14.28 5.03
N TRP C 69 -2.21 -14.82 4.99
CA TRP C 69 -1.89 -16.09 5.64
C TRP C 69 -0.80 -15.86 6.70
N GLU C 70 -0.30 -16.94 7.30
CA GLU C 70 0.52 -16.86 8.52
C GLU C 70 -0.38 -16.49 9.71
N SER C 71 -0.64 -17.48 10.56
CA SER C 71 -1.59 -17.36 11.67
C SER C 71 -1.38 -16.15 12.58
N ARG C 72 -0.12 -15.92 12.95
CA ARG C 72 0.22 -14.85 13.90
C ARG C 72 0.05 -13.45 13.30
N ALA C 73 0.19 -13.35 11.98
CA ALA C 73 -0.09 -12.11 11.26
C ALA C 73 -1.59 -11.83 11.22
N ILE C 74 -2.38 -12.89 11.10
CA ILE C 74 -3.84 -12.79 11.11
C ILE C 74 -4.37 -12.40 12.49
N GLN C 75 -3.84 -13.06 13.52
CA GLN C 75 -4.22 -12.80 14.92
C GLN C 75 -4.07 -11.33 15.31
N THR C 76 -2.91 -10.76 15.00
CA THR C 76 -2.60 -9.37 15.35
C THR C 76 -3.42 -8.39 14.51
N TYR C 77 -3.63 -8.72 13.24
CA TYR C 77 -4.41 -7.89 12.33
C TYR C 77 -5.86 -7.73 12.79
N LEU C 78 -6.45 -8.82 13.24
CA LEU C 78 -7.85 -8.84 13.67
C LEU C 78 -8.08 -7.96 14.90
N VAL C 79 -7.10 -7.91 15.79
CA VAL C 79 -7.17 -7.03 16.96
C VAL C 79 -6.98 -5.56 16.56
N ASN C 80 -5.99 -5.31 15.70
CA ASN C 80 -5.67 -3.96 15.24
C ASN C 80 -6.80 -3.30 14.44
N ALA C 81 -7.51 -4.11 13.66
CA ALA C 81 -8.56 -3.61 12.78
C ALA C 81 -9.95 -3.65 13.42
N TYR C 82 -10.29 -4.77 14.04
CA TYR C 82 -11.67 -5.01 14.49
C TYR C 82 -11.83 -5.19 16.00
N GLY C 83 -10.74 -5.00 16.74
CA GLY C 83 -10.79 -5.07 18.20
C GLY C 83 -11.48 -3.85 18.79
N LYS C 84 -12.41 -4.11 19.71
CA LYS C 84 -13.14 -3.05 20.41
C LYS C 84 -12.25 -2.36 21.44
N ASP C 85 -11.26 -3.10 21.92
CA ASP C 85 -10.18 -2.56 22.75
C ASP C 85 -8.87 -3.30 22.41
N ASP C 86 -7.76 -2.80 22.92
CA ASP C 86 -6.45 -3.35 22.59
C ASP C 86 -5.92 -4.33 23.64
N SER C 87 -6.80 -4.89 24.46
CA SER C 87 -6.42 -5.76 25.57
C SER C 87 -5.59 -6.99 25.14
N LEU C 88 -5.97 -7.59 24.02
CA LEU C 88 -5.27 -8.76 23.48
C LEU C 88 -3.94 -8.41 22.84
N TYR C 89 -3.84 -7.20 22.30
CA TYR C 89 -2.65 -6.76 21.58
C TYR C 89 -2.45 -5.25 21.77
N PRO C 90 -1.95 -4.84 22.96
CA PRO C 90 -1.83 -3.42 23.34
C PRO C 90 -0.89 -2.64 22.45
N LYS C 91 -1.19 -1.35 22.28
CA LYS C 91 -0.43 -0.47 21.40
C LYS C 91 0.87 0.01 22.06
N ASN C 92 0.90 0.03 23.39
CA ASN C 92 2.12 0.39 24.13
C ASN C 92 3.32 -0.39 23.60
N PRO C 93 4.33 0.33 23.08
CA PRO C 93 5.47 -0.27 22.40
C PRO C 93 6.17 -1.37 23.21
N ARG C 94 6.43 -1.11 24.50
CA ARG C 94 7.11 -2.08 25.35
C ARG C 94 6.26 -3.32 25.63
N GLN C 95 4.95 -3.12 25.77
CA GLN C 95 4.01 -4.23 25.99
C GLN C 95 3.80 -5.03 24.70
N ARG C 96 3.77 -4.34 23.57
CA ARG C 96 3.63 -4.99 22.26
C ARG C 96 4.89 -5.78 21.89
N ALA C 97 6.06 -5.25 22.27
CA ALA C 97 7.35 -5.89 21.98
C ALA C 97 7.47 -7.26 22.64
N ILE C 98 7.03 -7.35 23.90
CA ILE C 98 7.06 -8.62 24.64
C ILE C 98 6.16 -9.67 23.97
N ILE C 99 4.97 -9.24 23.54
CA ILE C 99 4.04 -10.12 22.82
C ILE C 99 4.66 -10.58 21.50
N ASP C 100 5.23 -9.64 20.75
CA ASP C 100 5.91 -9.93 19.49
C ASP C 100 7.04 -10.94 19.68
N GLN C 101 7.77 -10.83 20.78
CA GLN C 101 8.85 -11.76 21.12
C GLN C 101 8.30 -13.17 21.34
N ARG C 102 7.18 -13.25 22.07
CA ARG C 102 6.53 -14.53 22.35
C ARG C 102 5.93 -15.15 21.09
N LEU C 103 5.38 -14.30 20.23
CA LEU C 103 4.87 -14.73 18.93
C LEU C 103 6.00 -15.24 18.03
N ASN C 104 7.15 -14.59 18.10
CA ASN C 104 8.35 -15.01 17.37
C ASN C 104 8.94 -16.29 17.96
N PHE C 105 8.92 -16.39 19.29
CA PHE C 105 9.37 -17.60 19.98
C PHE C 105 8.48 -18.79 19.62
N ASP C 106 7.19 -18.51 19.46
CA ASP C 106 6.22 -19.54 19.12
C ASP C 106 6.47 -20.10 17.71
N LEU C 107 6.53 -19.22 16.72
CA LEU C 107 6.76 -19.64 15.32
C LEU C 107 8.15 -20.21 15.11
N GLY C 108 9.17 -19.50 15.60
CA GLY C 108 10.56 -19.84 15.32
C GLY C 108 11.20 -20.90 16.20
N THR C 109 10.63 -21.15 17.38
CA THR C 109 11.21 -22.10 18.33
C THR C 109 10.22 -23.19 18.75
N LEU C 110 9.20 -22.82 19.53
CA LEU C 110 8.27 -23.76 20.15
C LEU C 110 7.51 -24.61 19.13
N TYR C 111 6.81 -23.94 18.21
CA TYR C 111 6.01 -24.64 17.21
C TYR C 111 6.85 -25.40 16.19
N LEU C 112 8.01 -24.83 15.84
CA LEU C 112 8.95 -25.49 14.93
C LEU C 112 9.42 -26.82 15.52
N ARG C 113 9.80 -26.79 16.80
CA ARG C 113 10.27 -27.98 17.50
C ARG C 113 9.14 -28.96 17.79
N TYR C 114 7.90 -28.47 17.79
CA TYR C 114 6.72 -29.31 17.85
C TYR C 114 6.55 -30.11 16.56
N LEU C 115 6.72 -29.42 15.42
CA LEU C 115 6.59 -30.06 14.10
C LEU C 115 7.72 -31.05 13.82
N ASN C 116 8.93 -30.71 14.26
CA ASN C 116 10.09 -31.58 14.08
C ASN C 116 9.96 -32.93 14.79
N LEU C 117 9.22 -32.95 15.89
CA LEU C 117 9.01 -34.16 16.67
C LEU C 117 7.80 -34.98 16.19
N TYR C 118 6.63 -34.34 16.18
CA TYR C 118 5.37 -35.06 16.01
C TYR C 118 4.95 -35.35 14.56
N THR C 119 5.33 -34.49 13.62
CA THR C 119 4.96 -34.66 12.20
C THR C 119 5.43 -36.00 11.60
N PRO C 120 6.69 -36.40 11.85
CA PRO C 120 7.12 -37.72 11.37
C PRO C 120 6.32 -38.88 11.99
N ILE C 121 5.90 -38.72 13.24
CA ILE C 121 5.13 -39.73 13.94
C ILE C 121 3.70 -39.83 13.40
N LEU C 122 3.05 -38.67 13.27
CA LEU C 122 1.63 -38.61 12.92
C LEU C 122 1.33 -38.93 11.45
N PHE C 123 2.17 -38.43 10.54
CA PHE C 123 1.86 -38.48 9.11
C PHE C 123 2.78 -39.38 8.30
N ARG C 124 3.90 -39.80 8.89
CA ARG C 124 4.85 -40.69 8.19
C ARG C 124 4.98 -42.04 8.89
N GLY C 125 4.40 -42.16 10.08
CA GLY C 125 4.45 -43.39 10.87
C GLY C 125 5.84 -43.71 11.39
N GLU C 126 6.59 -42.67 11.72
CA GLU C 126 7.97 -42.82 12.21
C GLU C 126 8.04 -42.86 13.73
N ALA C 127 9.19 -43.30 14.25
CA ALA C 127 9.38 -43.45 15.69
C ALA C 127 9.61 -42.12 16.40
N TYR C 128 9.41 -42.14 17.71
CA TYR C 128 9.63 -40.99 18.58
C TYR C 128 11.14 -40.70 18.68
N ASP C 129 11.59 -39.67 17.96
CA ASP C 129 13.01 -39.32 17.92
C ASP C 129 13.39 -38.49 19.14
N GLN C 130 14.32 -39.02 19.93
CA GLN C 130 14.72 -38.39 21.20
C GLN C 130 15.50 -37.09 21.01
N GLU C 131 16.29 -37.02 19.94
CA GLU C 131 17.06 -35.81 19.63
C GLU C 131 16.14 -34.62 19.33
N LYS C 132 15.08 -34.90 18.57
CA LYS C 132 14.05 -33.90 18.28
C LYS C 132 13.21 -33.60 19.52
N ALA C 133 13.03 -34.61 20.36
CA ALA C 133 12.25 -34.48 21.59
C ALA C 133 12.95 -33.57 22.61
N ASP C 134 14.26 -33.74 22.75
CA ASP C 134 15.07 -32.93 23.66
C ASP C 134 14.99 -31.44 23.33
N LYS C 135 15.01 -31.13 22.03
CA LYS C 135 14.87 -29.75 21.54
C LYS C 135 13.54 -29.13 21.96
N PHE C 136 12.46 -29.87 21.73
CA PHE C 136 11.12 -29.43 22.11
C PHE C 136 10.96 -29.30 23.63
N ASP C 137 11.58 -30.22 24.37
CA ASP C 137 11.58 -30.17 25.83
C ASP C 137 12.38 -28.99 26.37
N GLU C 138 13.43 -28.60 25.63
CA GLU C 138 14.21 -27.41 25.97
C GLU C 138 13.37 -26.15 25.76
N ALA C 139 12.55 -26.16 24.71
CA ALA C 139 11.63 -25.06 24.42
C ALA C 139 10.56 -24.91 25.51
N LEU C 140 10.08 -26.04 26.03
CA LEU C 140 9.12 -26.04 27.14
C LEU C 140 9.76 -25.50 28.42
N GLY C 141 11.06 -25.74 28.58
CA GLY C 141 11.84 -25.19 29.68
C GLY C 141 11.91 -23.67 29.63
N TRP C 142 12.14 -23.15 28.43
CA TRP C 142 12.20 -21.69 28.21
C TRP C 142 10.84 -21.02 28.43
N LEU C 143 9.79 -21.68 27.96
CA LEU C 143 8.41 -21.20 28.14
C LEU C 143 8.04 -21.16 29.62
N ASN C 144 8.50 -22.16 30.37
CA ASN C 144 8.30 -22.21 31.82
C ASN C 144 8.96 -21.03 32.52
N THR C 145 10.15 -20.65 32.04
CA THR C 145 10.92 -19.54 32.58
C THR C 145 10.23 -18.19 32.29
N PHE C 146 9.60 -18.08 31.13
CA PHE C 146 8.88 -16.85 30.76
C PHE C 146 7.65 -16.61 31.63
N LEU C 147 7.12 -17.69 32.20
CA LEU C 147 5.92 -17.63 33.04
C LEU C 147 6.25 -17.45 34.53
N ASP C 148 7.54 -17.36 34.84
CA ASP C 148 8.01 -17.11 36.19
C ASP C 148 7.64 -15.70 36.64
N GLY C 149 6.69 -15.61 37.56
CA GLY C 149 6.23 -14.33 38.09
C GLY C 149 5.10 -13.69 37.30
N ARG C 150 4.72 -14.32 36.20
CA ARG C 150 3.65 -13.81 35.33
C ARG C 150 2.50 -14.82 35.20
N PRO C 151 1.26 -14.34 35.24
CA PRO C 151 0.11 -15.22 34.99
C PRO C 151 -0.04 -15.60 33.52
N PHE C 152 0.50 -14.77 32.62
CA PHE C 152 0.46 -15.03 31.19
C PHE C 152 1.84 -14.79 30.55
N VAL C 153 2.02 -15.31 29.33
CA VAL C 153 3.33 -15.32 28.67
C VAL C 153 3.94 -13.92 28.48
N ALA C 154 3.10 -12.92 28.26
CA ALA C 154 3.57 -11.56 27.97
C ALA C 154 3.32 -10.56 29.10
N GLY C 155 2.68 -11.02 30.18
CA GLY C 155 2.44 -10.16 31.34
C GLY C 155 1.21 -10.50 32.15
N GLU C 156 0.55 -9.46 32.64
CA GLU C 156 -0.58 -9.61 33.57
C GLU C 156 -1.89 -10.06 32.92
N ASN C 157 -2.07 -9.73 31.64
CA ASN C 157 -3.30 -10.04 30.92
C ASN C 157 -3.09 -11.01 29.76
N MET C 158 -4.14 -11.76 29.43
CA MET C 158 -4.10 -12.70 28.30
C MET C 158 -3.96 -11.97 26.98
N THR C 159 -3.09 -12.48 26.11
CA THR C 159 -2.79 -11.86 24.82
C THR C 159 -2.91 -12.88 23.68
N VAL C 160 -2.73 -12.42 22.44
CA VAL C 160 -2.72 -13.28 21.27
C VAL C 160 -1.61 -14.33 21.32
N ALA C 161 -0.54 -14.01 22.04
CA ALA C 161 0.58 -14.95 22.24
C ALA C 161 0.14 -16.16 23.08
N ASP C 162 -0.66 -15.91 24.10
CA ASP C 162 -1.24 -16.99 24.91
C ASP C 162 -2.12 -17.92 24.07
N ILE C 163 -2.94 -17.33 23.21
CA ILE C 163 -3.89 -18.09 22.38
C ILE C 163 -3.19 -19.02 21.38
N THR C 164 -2.09 -18.56 20.78
CA THR C 164 -1.34 -19.40 19.84
C THR C 164 -0.48 -20.47 20.53
N ILE C 165 0.19 -20.09 21.61
CA ILE C 165 1.07 -21.01 22.35
C ILE C 165 0.28 -22.18 22.97
N VAL C 166 -0.91 -21.88 23.49
CA VAL C 166 -1.76 -22.88 24.16
C VAL C 166 -2.20 -24.02 23.23
N VAL C 167 -2.29 -23.74 21.93
CA VAL C 167 -2.64 -24.76 20.93
C VAL C 167 -1.63 -25.90 20.95
N THR C 168 -0.35 -25.56 21.03
CA THR C 168 0.74 -26.54 21.11
C THR C 168 0.64 -27.34 22.41
N ILE C 169 0.32 -26.66 23.52
CA ILE C 169 0.19 -27.29 24.83
C ILE C 169 -1.04 -28.19 24.88
N THR C 170 -2.11 -27.78 24.20
CA THR C 170 -3.33 -28.59 24.06
C THR C 170 -3.06 -29.85 23.22
N ASN C 171 -2.21 -29.71 22.21
CA ASN C 171 -1.83 -30.83 21.35
C ASN C 171 -1.07 -31.92 22.08
N ILE C 172 -0.02 -31.52 22.81
CA ILE C 172 0.79 -32.48 23.57
C ILE C 172 0.03 -33.12 24.73
N ASP C 173 -0.90 -32.38 25.32
CA ASP C 173 -1.75 -32.88 26.40
C ASP C 173 -2.67 -34.00 25.90
N ALA C 174 -3.10 -33.88 24.65
CA ALA C 174 -3.93 -34.89 24.01
C ALA C 174 -3.12 -36.13 23.64
N PHE C 175 -1.84 -35.94 23.35
CA PHE C 175 -0.96 -37.04 22.95
C PHE C 175 -0.56 -37.93 24.12
N GLY C 176 -0.39 -37.32 25.29
CA GLY C 176 -0.03 -38.06 26.51
C GLY C 176 1.16 -37.48 27.24
N TYR C 177 1.46 -36.22 26.96
CA TYR C 177 2.58 -35.51 27.59
C TYR C 177 2.17 -34.99 28.97
N ASP C 178 2.88 -35.43 30.00
CA ASP C 178 2.63 -34.97 31.35
C ASP C 178 3.58 -33.81 31.69
N PHE C 179 3.07 -32.58 31.54
CA PHE C 179 3.87 -31.38 31.76
C PHE C 179 3.58 -30.70 33.10
N SER C 180 3.02 -31.45 34.05
CA SER C 180 2.69 -30.91 35.37
C SER C 180 3.93 -30.55 36.19
N SER C 181 5.06 -31.20 35.89
CA SER C 181 6.34 -30.90 36.53
C SER C 181 6.83 -29.48 36.21
N HIS C 182 6.53 -29.01 35.00
CA HIS C 182 6.73 -27.62 34.62
C HIS C 182 5.59 -26.81 35.24
N GLU C 183 5.76 -26.46 36.51
CA GLU C 183 4.67 -25.95 37.34
C GLU C 183 4.10 -24.60 36.89
N ASN C 184 4.92 -23.78 36.24
CA ASN C 184 4.47 -22.50 35.69
C ASN C 184 3.57 -22.69 34.47
N ILE C 185 3.92 -23.65 33.61
CA ILE C 185 3.09 -23.98 32.46
C ILE C 185 1.78 -24.62 32.91
N ALA C 186 1.87 -25.58 33.83
CA ALA C 186 0.72 -26.30 34.36
C ALA C 186 -0.37 -25.35 34.89
N LYS C 187 0.04 -24.37 35.69
CA LYS C 187 -0.87 -23.38 36.25
C LYS C 187 -1.38 -22.40 35.20
N TRP C 188 -0.51 -22.03 34.25
CA TRP C 188 -0.88 -21.16 33.14
C TRP C 188 -1.88 -21.83 32.20
N PHE C 189 -1.64 -23.10 31.91
CA PHE C 189 -2.50 -23.89 31.03
C PHE C 189 -3.93 -23.95 31.55
N GLU C 190 -4.08 -24.18 32.85
CA GLU C 190 -5.39 -24.20 33.49
C GLU C 190 -6.03 -22.81 33.51
N ARG C 191 -5.19 -21.79 33.67
CA ARG C 191 -5.63 -20.39 33.69
C ARG C 191 -6.13 -19.92 32.32
N THR C 192 -5.39 -20.27 31.28
CA THR C 192 -5.72 -19.88 29.90
C THR C 192 -6.93 -20.65 29.36
N LYS C 193 -7.09 -21.89 29.80
CA LYS C 193 -8.29 -22.68 29.47
C LYS C 193 -9.55 -22.03 30.03
N LYS C 194 -9.49 -21.60 31.28
CA LYS C 194 -10.60 -20.90 31.94
C LYS C 194 -10.96 -19.60 31.22
N MET C 195 -9.95 -18.89 30.76
CA MET C 195 -10.13 -17.62 30.04
C MET C 195 -10.75 -17.83 28.67
N LEU C 196 -10.36 -18.91 27.99
CA LEU C 196 -10.83 -19.20 26.64
C LEU C 196 -12.05 -20.12 26.63
N GLU C 197 -12.46 -20.58 27.81
CA GLU C 197 -13.58 -21.51 27.96
C GLU C 197 -14.90 -20.96 27.38
N PRO C 198 -15.25 -19.69 27.69
CA PRO C 198 -16.47 -19.16 27.08
C PRO C 198 -16.27 -18.69 25.64
N TYR C 199 -15.09 -18.95 25.08
CA TYR C 199 -14.78 -18.56 23.71
C TYR C 199 -14.47 -19.76 22.79
N GLY C 200 -15.16 -20.86 23.04
CA GLY C 200 -15.09 -22.04 22.18
C GLY C 200 -13.79 -22.81 22.24
N TYR C 201 -13.24 -22.96 23.44
CA TYR C 201 -11.98 -23.70 23.63
C TYR C 201 -12.14 -25.20 23.35
N ASP C 202 -13.13 -25.83 23.97
CA ASP C 202 -13.39 -27.25 23.74
C ASP C 202 -13.76 -27.48 22.29
N GLU C 203 -14.64 -26.62 21.78
CA GLU C 203 -15.16 -26.68 20.42
C GLU C 203 -14.07 -26.55 19.35
N ILE C 204 -13.13 -25.64 19.56
CA ILE C 204 -12.06 -25.41 18.58
C ILE C 204 -10.79 -26.22 18.91
N ASP C 205 -10.18 -25.96 20.06
CA ASP C 205 -8.85 -26.47 20.36
C ASP C 205 -8.81 -27.96 20.72
N VAL C 206 -9.67 -28.37 21.64
CA VAL C 206 -9.71 -29.78 22.09
C VAL C 206 -10.09 -30.71 20.94
N THR C 207 -11.17 -30.36 20.22
CA THR C 207 -11.64 -31.14 19.07
C THR C 207 -10.53 -31.29 18.02
N GLY C 208 -9.84 -30.19 17.73
CA GLY C 208 -8.73 -30.18 16.79
C GLY C 208 -7.57 -31.05 17.23
N ALA C 209 -7.26 -31.00 18.53
CA ALA C 209 -6.20 -31.82 19.12
C ALA C 209 -6.55 -33.31 19.11
N LYS C 210 -7.82 -33.61 19.41
CA LYS C 210 -8.31 -34.99 19.43
C LYS C 210 -8.25 -35.64 18.03
N MET C 211 -8.52 -34.84 17.01
CA MET C 211 -8.42 -35.29 15.62
C MET C 211 -6.98 -35.64 15.23
N LEU C 212 -6.03 -34.87 15.74
CA LEU C 212 -4.61 -35.15 15.54
C LEU C 212 -4.16 -36.35 16.38
N ALA C 213 -4.80 -36.53 17.55
CA ALA C 213 -4.49 -37.63 18.46
C ALA C 213 -4.89 -39.00 17.89
N SER C 214 -5.87 -39.00 16.98
CA SER C 214 -6.36 -40.23 16.36
C SER C 214 -5.39 -40.78 15.30
N PHE C 215 -4.35 -39.99 14.97
CA PHE C 215 -3.33 -40.41 14.01
C PHE C 215 -2.26 -41.29 14.65
N LEU C 216 -2.15 -41.23 15.97
CA LEU C 216 -1.19 -42.04 16.73
C LEU C 216 -1.58 -43.52 16.74
N HIS D 1 14.81 11.32 -0.69
CA HIS D 1 15.17 12.69 -1.16
C HIS D 1 15.83 12.65 -2.53
N MET D 2 16.41 11.50 -2.86
CA MET D 2 16.97 11.26 -4.17
C MET D 2 16.64 9.85 -4.63
N PRO D 3 16.37 9.69 -5.94
CA PRO D 3 16.15 8.35 -6.48
C PRO D 3 17.47 7.57 -6.50
N VAL D 4 17.39 6.27 -6.20
CA VAL D 4 18.57 5.42 -6.13
C VAL D 4 19.22 5.20 -7.51
N GLN D 5 18.41 5.29 -8.55
CA GLN D 5 18.87 5.26 -9.94
C GLN D 5 18.11 6.34 -10.71
N PRO D 6 18.64 6.76 -11.89
CA PRO D 6 17.90 7.70 -12.72
C PRO D 6 16.51 7.18 -13.05
N ILE D 7 15.50 8.03 -12.86
CA ILE D 7 14.11 7.65 -13.11
C ILE D 7 13.86 7.49 -14.62
N LYS D 8 13.46 6.29 -15.01
CA LYS D 8 13.16 5.99 -16.41
C LYS D 8 11.80 6.59 -16.81
N LEU D 9 11.80 7.32 -17.92
CA LEU D 9 10.57 7.90 -18.44
C LEU D 9 10.33 7.47 -19.89
N TYR D 10 9.33 6.61 -20.07
CA TYR D 10 8.93 6.15 -21.39
C TYR D 10 8.11 7.27 -22.05
N TYR D 11 8.72 7.92 -23.03
CA TYR D 11 8.21 9.19 -23.54
C TYR D 11 8.27 9.28 -25.07
N LEU D 12 7.68 10.35 -25.59
CA LEU D 12 7.84 10.76 -26.98
C LEU D 12 7.93 12.29 -27.01
N PRO D 13 8.94 12.85 -27.69
CA PRO D 13 9.23 14.29 -27.71
C PRO D 13 8.02 15.23 -27.96
N PRO D 14 7.16 14.96 -28.97
CA PRO D 14 6.08 15.91 -29.22
C PRO D 14 4.90 15.83 -28.25
N SER D 15 4.84 14.74 -27.48
CA SER D 15 3.71 14.48 -26.57
C SER D 15 3.62 15.50 -25.42
N PRO D 16 2.50 16.23 -25.34
CA PRO D 16 2.26 17.25 -24.30
C PRO D 16 2.38 16.78 -22.84
N PRO D 17 1.81 15.60 -22.48
CA PRO D 17 1.99 15.15 -21.10
C PRO D 17 3.44 14.78 -20.75
N CYS D 18 4.19 14.27 -21.72
CA CYS D 18 5.61 13.98 -21.55
C CYS D 18 6.41 15.26 -21.33
N ARG D 19 6.05 16.30 -22.08
CA ARG D 19 6.71 17.61 -21.99
C ARG D 19 6.55 18.26 -20.61
N ALA D 20 5.36 18.11 -20.02
CA ALA D 20 5.06 18.67 -18.70
C ALA D 20 5.88 18.01 -17.59
N VAL D 21 6.06 16.69 -17.69
CA VAL D 21 6.85 15.92 -16.71
C VAL D 21 8.34 16.25 -16.80
N MET D 22 8.87 16.31 -18.02
CA MET D 22 10.28 16.58 -18.27
C MET D 22 10.73 17.94 -17.74
N MET D 23 9.87 18.95 -17.91
CA MET D 23 10.15 20.31 -17.45
C MET D 23 10.07 20.43 -15.93
N THR D 24 9.14 19.67 -15.32
CA THR D 24 8.99 19.64 -13.86
C THR D 24 10.24 19.05 -13.19
N ALA D 25 10.79 17.99 -13.81
CA ALA D 25 11.98 17.32 -13.30
C ALA D 25 13.24 18.20 -13.38
N ARG D 26 13.27 19.10 -14.35
CA ARG D 26 14.40 20.02 -14.53
C ARG D 26 14.47 21.07 -13.41
N VAL D 27 13.31 21.54 -12.96
CA VAL D 27 13.22 22.50 -11.87
C VAL D 27 13.56 21.84 -10.54
N LEU D 28 13.26 20.55 -10.43
CA LEU D 28 13.56 19.75 -9.24
C LEU D 28 14.97 19.18 -9.27
N GLU D 29 15.71 19.49 -10.33
CA GLU D 29 17.11 19.05 -10.53
C GLU D 29 17.26 17.52 -10.62
N LEU D 30 16.22 16.86 -11.12
CA LEU D 30 16.21 15.40 -11.22
C LEU D 30 16.45 14.96 -12.66
N ASP D 31 17.47 14.10 -12.84
CA ASP D 31 17.79 13.56 -14.15
C ASP D 31 16.87 12.38 -14.47
N LEU D 32 16.51 12.26 -15.75
CA LEU D 32 15.62 11.20 -16.21
C LEU D 32 16.29 10.39 -17.32
N HIS D 33 16.18 9.07 -17.24
CA HIS D 33 16.62 8.20 -18.32
C HIS D 33 15.51 8.12 -19.36
N LEU D 34 15.64 8.93 -20.42
CA LEU D 34 14.62 9.03 -21.45
C LEU D 34 14.64 7.82 -22.38
N ILE D 35 13.51 7.12 -22.44
CA ILE D 35 13.36 5.97 -23.33
C ILE D 35 12.26 6.30 -24.35
N THR D 36 12.63 6.25 -25.63
CA THR D 36 11.69 6.54 -26.71
C THR D 36 10.73 5.37 -26.94
N THR D 37 9.46 5.61 -26.66
CA THR D 37 8.40 4.65 -26.90
C THR D 37 7.50 5.23 -27.98
N ASN D 38 7.47 4.57 -29.14
CA ASN D 38 6.70 5.09 -30.26
C ASN D 38 5.35 4.43 -30.43
N ILE D 39 4.31 5.25 -30.36
CA ILE D 39 2.92 4.81 -30.41
C ILE D 39 2.61 4.11 -31.74
N MET D 40 2.97 4.76 -32.84
CA MET D 40 2.65 4.24 -34.17
C MET D 40 3.50 3.03 -34.56
N ASN D 41 4.67 2.89 -33.95
CA ASN D 41 5.50 1.70 -34.14
C ASN D 41 5.02 0.49 -33.36
N GLY D 42 3.99 0.70 -32.54
CA GLY D 42 3.43 -0.36 -31.70
C GLY D 42 4.37 -0.74 -30.59
N GLU D 43 5.11 0.24 -30.08
CA GLU D 43 6.06 0.03 -28.98
C GLU D 43 5.36 0.10 -27.62
N HIS D 44 4.17 0.70 -27.61
CA HIS D 44 3.37 0.81 -26.39
C HIS D 44 2.39 -0.36 -26.23
N MET D 45 2.24 -1.15 -27.28
CA MET D 45 1.31 -2.29 -27.27
C MET D 45 2.01 -3.64 -27.05
N THR D 46 3.30 -3.60 -26.74
CA THR D 46 4.08 -4.81 -26.47
C THR D 46 3.70 -5.41 -25.11
N PRO D 47 3.79 -6.75 -24.97
CA PRO D 47 3.46 -7.46 -23.73
C PRO D 47 4.26 -6.98 -22.51
N GLU D 48 5.48 -6.50 -22.76
CA GLU D 48 6.32 -5.94 -21.70
C GLU D 48 5.83 -4.57 -21.23
N TYR D 49 5.22 -3.83 -22.15
CA TYR D 49 4.68 -2.50 -21.85
C TYR D 49 3.29 -2.60 -21.21
N LEU D 50 2.53 -3.62 -21.61
CA LEU D 50 1.18 -3.84 -21.08
C LEU D 50 1.18 -4.25 -19.61
N LYS D 51 2.17 -5.04 -19.21
CA LYS D 51 2.34 -5.46 -17.82
C LYS D 51 2.71 -4.27 -16.93
N MET D 52 3.49 -3.35 -17.48
CA MET D 52 3.87 -2.13 -16.80
C MET D 52 2.72 -1.10 -16.82
N ASN D 53 2.13 -0.90 -17.99
CA ASN D 53 1.02 0.03 -18.18
C ASN D 53 -0.08 -0.58 -19.05
N PRO D 54 -1.19 -1.03 -18.42
CA PRO D 54 -2.34 -1.58 -19.14
C PRO D 54 -3.11 -0.54 -19.97
N GLN D 55 -3.02 0.73 -19.56
CA GLN D 55 -3.65 1.83 -20.29
C GLN D 55 -2.89 2.22 -21.55
N HIS D 56 -1.66 1.69 -21.69
CA HIS D 56 -0.77 1.95 -22.83
C HIS D 56 -0.69 3.43 -23.26
N THR D 57 -0.45 4.30 -22.29
CA THR D 57 -0.32 5.74 -22.54
C THR D 57 1.07 6.24 -22.18
N ILE D 58 1.42 7.41 -22.72
CA ILE D 58 2.66 8.10 -22.39
C ILE D 58 2.38 9.43 -21.68
N PRO D 59 3.23 9.81 -20.71
CA PRO D 59 4.44 9.12 -20.27
C PRO D 59 4.18 8.00 -19.27
N THR D 60 5.13 7.07 -19.17
CA THR D 60 5.12 6.07 -18.11
C THR D 60 6.39 6.23 -17.28
N MET D 61 6.23 6.65 -16.03
CA MET D 61 7.34 6.86 -15.11
C MET D 61 7.71 5.57 -14.41
N ASP D 62 8.99 5.22 -14.50
CA ASP D 62 9.53 4.05 -13.80
C ASP D 62 10.58 4.49 -12.79
N ASP D 63 10.15 4.66 -11.55
CA ASP D 63 11.04 5.01 -10.44
C ASP D 63 11.41 3.76 -9.66
N ASN D 64 12.33 2.98 -10.22
CA ASN D 64 12.84 1.76 -9.60
C ASN D 64 11.74 0.83 -9.09
N GLY D 65 10.96 0.28 -10.02
CA GLY D 65 9.86 -0.62 -9.67
C GLY D 65 8.53 0.08 -9.49
N PHE D 66 8.57 1.32 -9.00
CA PHE D 66 7.37 2.11 -8.79
C PHE D 66 6.89 2.71 -10.11
N ILE D 67 5.79 2.16 -10.62
CA ILE D 67 5.23 2.57 -11.92
C ILE D 67 4.12 3.59 -11.71
N LEU D 68 4.12 4.62 -12.56
CA LEU D 68 3.13 5.69 -12.50
C LEU D 68 2.97 6.34 -13.87
N TRP D 69 1.73 6.42 -14.34
CA TRP D 69 1.40 7.20 -15.54
C TRP D 69 0.37 8.27 -15.21
N GLU D 70 -0.08 9.01 -16.24
CA GLU D 70 -0.86 10.25 -16.05
C GLU D 70 0.07 11.35 -15.54
N SER D 71 0.37 12.30 -16.43
CA SER D 71 1.39 13.33 -16.20
C SER D 71 1.24 14.09 -14.88
N ARG D 72 0.04 14.57 -14.59
CA ARG D 72 -0.23 15.41 -13.42
C ARG D 72 -0.02 14.68 -12.10
N ALA D 73 -0.22 13.36 -12.11
CA ALA D 73 0.07 12.52 -10.94
C ALA D 73 1.57 12.36 -10.74
N ILE D 74 2.31 12.27 -11.85
CA ILE D 74 3.78 12.16 -11.83
C ILE D 74 4.42 13.44 -11.30
N GLN D 75 3.96 14.58 -11.83
CA GLN D 75 4.47 15.89 -11.45
C GLN D 75 4.38 16.14 -9.95
N THR D 76 3.21 15.82 -9.38
CA THR D 76 2.95 16.00 -7.95
C THR D 76 3.76 15.03 -7.08
N TYR D 77 4.00 13.83 -7.61
CA TYR D 77 4.79 12.83 -6.91
C TYR D 77 6.26 13.25 -6.74
N LEU D 78 6.83 13.79 -7.81
CA LEU D 78 8.25 14.17 -7.82
C LEU D 78 8.58 15.28 -6.82
N VAL D 79 7.65 16.20 -6.60
CA VAL D 79 7.83 17.26 -5.61
C VAL D 79 7.65 16.72 -4.19
N ASN D 80 6.67 15.82 -4.02
CA ASN D 80 6.40 15.19 -2.73
C ASN D 80 7.50 14.26 -2.25
N ALA D 81 8.13 13.55 -3.20
CA ALA D 81 9.13 12.55 -2.87
C ALA D 81 10.56 13.09 -2.90
N TYR D 82 10.92 13.76 -4.00
CA TYR D 82 12.32 14.13 -4.25
C TYR D 82 12.57 15.63 -4.35
N GLY D 83 11.59 16.43 -3.94
CA GLY D 83 11.73 17.88 -3.93
C GLY D 83 12.58 18.34 -2.74
N LYS D 84 13.54 19.23 -3.02
CA LYS D 84 14.37 19.82 -1.96
C LYS D 84 13.56 20.77 -1.10
N ASP D 85 12.62 21.46 -1.72
CA ASP D 85 11.61 22.26 -1.03
C ASP D 85 10.25 22.04 -1.70
N ASP D 86 9.18 22.42 -1.00
CA ASP D 86 7.83 22.19 -1.49
C ASP D 86 7.24 23.34 -2.31
N SER D 87 8.08 24.28 -2.72
CA SER D 87 7.62 25.50 -3.40
C SER D 87 6.73 25.26 -4.62
N LEU D 88 7.10 24.27 -5.43
CA LEU D 88 6.32 23.90 -6.63
C LEU D 88 4.98 23.24 -6.30
N TYR D 89 4.92 22.57 -5.15
CA TYR D 89 3.70 21.90 -4.72
C TYR D 89 3.59 21.87 -3.19
N PRO D 90 3.20 23.02 -2.59
CA PRO D 90 3.18 23.23 -1.13
C PRO D 90 2.30 22.27 -0.35
N LYS D 91 2.73 21.94 0.87
CA LYS D 91 2.02 21.03 1.77
C LYS D 91 0.76 21.66 2.36
N ASN D 92 0.75 22.99 2.48
CA ASN D 92 -0.39 23.72 3.04
C ASN D 92 -1.70 23.35 2.33
N PRO D 93 -2.70 22.88 3.10
CA PRO D 93 -3.94 22.33 2.56
C PRO D 93 -4.70 23.29 1.65
N ARG D 94 -4.75 24.57 2.03
CA ARG D 94 -5.47 25.58 1.26
C ARG D 94 -4.71 25.99 0.00
N GLN D 95 -3.38 26.01 0.08
CA GLN D 95 -2.54 26.33 -1.08
C GLN D 95 -2.47 25.18 -2.08
N ARG D 96 -2.45 23.95 -1.58
CA ARG D 96 -2.41 22.75 -2.42
C ARG D 96 -3.73 22.55 -3.17
N ALA D 97 -4.84 22.89 -2.51
CA ALA D 97 -6.18 22.76 -3.09
C ALA D 97 -6.36 23.58 -4.35
N ILE D 98 -5.82 24.80 -4.35
CA ILE D 98 -5.87 25.69 -5.51
C ILE D 98 -5.14 25.08 -6.70
N ILE D 99 -3.94 24.55 -6.44
CA ILE D 99 -3.14 23.88 -7.47
C ILE D 99 -3.88 22.66 -8.03
N ASP D 100 -4.41 21.84 -7.11
CA ASP D 100 -5.21 20.68 -7.48
C ASP D 100 -6.40 21.04 -8.37
N GLN D 101 -7.05 22.16 -8.06
CA GLN D 101 -8.16 22.68 -8.87
C GLN D 101 -7.69 23.04 -10.27
N ARG D 102 -6.52 23.66 -10.37
CA ARG D 102 -5.92 24.04 -11.66
C ARG D 102 -5.47 22.81 -12.43
N LEU D 103 -4.96 21.81 -11.72
CA LEU D 103 -4.56 20.54 -12.33
C LEU D 103 -5.77 19.77 -12.85
N ASN D 104 -6.84 19.76 -12.06
CA ASN D 104 -8.12 19.18 -12.49
C ASN D 104 -8.76 19.97 -13.62
N PHE D 105 -8.60 21.29 -13.58
CA PHE D 105 -9.06 22.16 -14.65
C PHE D 105 -8.28 21.91 -15.94
N ASP D 106 -6.96 21.76 -15.81
CA ASP D 106 -6.08 21.50 -16.95
C ASP D 106 -6.47 20.21 -17.67
N LEU D 107 -6.63 19.13 -16.90
CA LEU D 107 -7.02 17.83 -17.46
C LEU D 107 -8.48 17.79 -17.88
N GLY D 108 -9.36 18.31 -17.04
CA GLY D 108 -10.80 18.21 -17.25
C GLY D 108 -11.39 19.14 -18.29
N THR D 109 -10.83 20.34 -18.40
CA THR D 109 -11.40 21.37 -19.28
C THR D 109 -10.43 21.82 -20.37
N LEU D 110 -9.27 22.36 -19.98
CA LEU D 110 -8.34 22.97 -20.90
C LEU D 110 -7.72 22.01 -21.92
N TYR D 111 -7.03 20.98 -21.43
CA TYR D 111 -6.33 20.04 -22.32
C TYR D 111 -7.29 19.18 -23.14
N LEU D 112 -8.45 18.87 -22.56
CA LEU D 112 -9.48 18.08 -23.24
C LEU D 112 -10.06 18.82 -24.46
N ARG D 113 -10.42 20.08 -24.25
CA ARG D 113 -10.98 20.91 -25.33
C ARG D 113 -9.91 21.28 -26.36
N TYR D 114 -8.65 21.21 -25.96
CA TYR D 114 -7.52 21.33 -26.87
C TYR D 114 -7.45 20.11 -27.79
N LEU D 115 -7.68 18.93 -27.21
CA LEU D 115 -7.70 17.67 -27.97
C LEU D 115 -8.92 17.57 -28.89
N ASN D 116 -10.02 18.19 -28.47
CA ASN D 116 -11.24 18.20 -29.26
C ASN D 116 -11.13 19.07 -30.52
N LEU D 117 -10.29 20.09 -30.44
CA LEU D 117 -10.11 21.04 -31.53
C LEU D 117 -8.97 20.66 -32.48
N TYR D 118 -7.77 20.48 -31.94
CA TYR D 118 -6.57 20.34 -32.77
C TYR D 118 -6.27 18.92 -33.28
N THR D 119 -6.64 17.90 -32.50
CA THR D 119 -6.42 16.50 -32.91
C THR D 119 -7.14 16.13 -34.22
N PRO D 120 -8.38 16.61 -34.43
CA PRO D 120 -9.02 16.40 -35.73
C PRO D 120 -8.34 17.13 -36.89
N ILE D 121 -7.66 18.24 -36.59
CA ILE D 121 -6.96 19.02 -37.60
C ILE D 121 -5.60 18.40 -37.96
N LEU D 122 -4.80 18.11 -36.93
CA LEU D 122 -3.44 17.63 -37.09
C LEU D 122 -3.37 16.21 -37.64
N PHE D 123 -4.12 15.31 -36.98
CA PHE D 123 -4.07 13.88 -37.24
C PHE D 123 -5.17 13.44 -38.18
N ARG D 124 -6.41 13.76 -37.82
CA ARG D 124 -7.57 13.38 -38.61
C ARG D 124 -7.59 14.12 -39.96
N GLY D 125 -6.95 15.29 -40.01
CA GLY D 125 -6.81 16.05 -41.24
C GLY D 125 -8.06 16.80 -41.63
N GLU D 126 -8.92 17.05 -40.64
CA GLU D 126 -10.21 17.69 -40.84
C GLU D 126 -10.15 19.19 -40.53
N ALA D 127 -11.20 19.92 -40.90
CA ALA D 127 -11.20 21.39 -40.86
C ALA D 127 -11.31 21.99 -39.45
N TYR D 128 -10.97 23.28 -39.33
CA TYR D 128 -11.06 24.02 -38.08
C TYR D 128 -12.51 24.23 -37.68
N ASP D 129 -12.93 23.55 -36.61
CA ASP D 129 -14.31 23.57 -36.14
C ASP D 129 -14.64 24.87 -35.41
N GLN D 130 -15.87 25.33 -35.57
CA GLN D 130 -16.33 26.59 -34.96
C GLN D 130 -16.83 26.38 -33.53
N GLU D 131 -17.65 25.34 -33.33
CA GLU D 131 -18.22 25.03 -32.03
C GLU D 131 -17.14 24.59 -31.04
N LYS D 132 -16.20 23.76 -31.52
CA LYS D 132 -15.13 23.22 -30.68
C LYS D 132 -14.09 24.28 -30.31
N ALA D 133 -13.97 25.33 -31.13
CA ALA D 133 -13.05 26.43 -30.89
C ALA D 133 -13.56 27.38 -29.81
N ASP D 134 -14.85 27.70 -29.86
CA ASP D 134 -15.49 28.59 -28.88
C ASP D 134 -15.44 28.02 -27.47
N LYS D 135 -15.50 26.69 -27.36
CA LYS D 135 -15.37 25.98 -26.08
C LYS D 135 -13.95 26.13 -25.52
N PHE D 136 -12.95 26.08 -26.41
CA PHE D 136 -11.56 26.31 -26.04
C PHE D 136 -11.32 27.77 -25.68
N ASP D 137 -12.02 28.68 -26.36
CA ASP D 137 -11.99 30.11 -26.05
C ASP D 137 -12.55 30.38 -24.66
N GLU D 138 -13.64 29.68 -24.34
CA GLU D 138 -14.28 29.76 -23.03
C GLU D 138 -13.35 29.22 -21.93
N ALA D 139 -12.58 28.19 -22.27
CA ALA D 139 -11.58 27.61 -21.37
C ALA D 139 -10.45 28.60 -21.08
N LEU D 140 -10.02 29.33 -22.11
CA LEU D 140 -9.01 30.37 -21.96
C LEU D 140 -9.58 31.59 -21.25
N GLY D 141 -10.87 31.86 -21.47
CA GLY D 141 -11.59 32.92 -20.77
C GLY D 141 -11.54 32.72 -19.27
N TRP D 142 -11.78 31.48 -18.83
CA TRP D 142 -11.70 31.11 -17.42
C TRP D 142 -10.26 31.18 -16.91
N LEU D 143 -9.32 30.70 -17.72
CA LEU D 143 -7.89 30.74 -17.38
C LEU D 143 -7.40 32.18 -17.17
N ASN D 144 -7.92 33.10 -18.00
CA ASN D 144 -7.62 34.51 -17.89
C ASN D 144 -8.14 35.10 -16.58
N THR D 145 -9.30 34.62 -16.13
CA THR D 145 -9.92 35.07 -14.88
C THR D 145 -9.16 34.55 -13.65
N PHE D 146 -8.55 33.37 -13.77
CA PHE D 146 -7.73 32.80 -12.70
C PHE D 146 -6.44 33.58 -12.50
N LEU D 147 -6.01 34.29 -13.55
CA LEU D 147 -4.78 35.07 -13.53
C LEU D 147 -5.04 36.55 -13.22
N ASP D 148 -6.27 36.89 -12.86
CA ASP D 148 -6.64 38.25 -12.49
C ASP D 148 -6.00 38.61 -11.14
N GLY D 149 -4.95 39.42 -11.20
CA GLY D 149 -4.23 39.86 -10.00
C GLY D 149 -3.07 38.96 -9.62
N ARG D 150 -3.11 37.71 -10.08
CA ARG D 150 -2.07 36.72 -9.78
C ARG D 150 -1.05 36.62 -10.90
N PRO D 151 0.26 36.57 -10.55
CA PRO D 151 1.31 36.36 -11.55
C PRO D 151 1.34 34.93 -12.09
N PHE D 152 0.87 33.98 -11.29
CA PHE D 152 0.79 32.57 -11.68
C PHE D 152 -0.59 32.00 -11.38
N VAL D 153 -0.91 30.85 -11.98
CA VAL D 153 -2.27 30.30 -11.94
C VAL D 153 -2.79 29.93 -10.55
N ALA D 154 -1.89 29.55 -9.65
CA ALA D 154 -2.29 29.12 -8.30
C ALA D 154 -2.03 30.18 -7.23
N GLY D 155 -1.11 31.10 -7.50
CA GLY D 155 -0.79 32.16 -6.55
C GLY D 155 0.35 33.06 -6.99
N GLU D 156 1.32 33.25 -6.10
CA GLU D 156 2.45 34.15 -6.34
C GLU D 156 3.70 33.44 -6.86
N ASN D 157 3.80 32.16 -6.56
CA ASN D 157 4.94 31.34 -6.99
C ASN D 157 4.55 30.38 -8.11
N MET D 158 5.51 30.04 -8.95
CA MET D 158 5.30 29.07 -10.03
C MET D 158 5.13 27.67 -9.44
N THR D 159 4.05 27.02 -9.83
CA THR D 159 3.73 25.67 -9.35
C THR D 159 3.67 24.66 -10.49
N VAL D 160 3.46 23.39 -10.14
CA VAL D 160 3.34 22.32 -11.14
C VAL D 160 2.16 22.55 -12.10
N ALA D 161 1.19 23.34 -11.65
CA ALA D 161 0.03 23.70 -12.46
C ALA D 161 0.43 24.61 -13.63
N ASP D 162 1.35 25.55 -13.36
CA ASP D 162 1.89 26.44 -14.39
C ASP D 162 2.63 25.66 -15.47
N ILE D 163 3.39 24.64 -15.06
CA ILE D 163 4.23 23.86 -15.96
C ILE D 163 3.41 22.99 -16.92
N THR D 164 2.31 22.44 -16.44
CA THR D 164 1.45 21.60 -17.29
C THR D 164 0.52 22.40 -18.21
N ILE D 165 0.07 23.56 -17.74
CA ILE D 165 -0.82 24.43 -18.51
C ILE D 165 -0.08 25.12 -19.65
N VAL D 166 1.15 25.57 -19.39
CA VAL D 166 1.96 26.29 -20.37
C VAL D 166 2.24 25.48 -21.65
N VAL D 167 2.23 24.15 -21.52
CA VAL D 167 2.44 23.25 -22.67
C VAL D 167 1.36 23.44 -23.74
N THR D 168 0.11 23.61 -23.29
CA THR D 168 -1.02 23.86 -24.18
C THR D 168 -0.91 25.26 -24.81
N ILE D 169 -0.45 26.24 -24.04
CA ILE D 169 -0.29 27.61 -24.52
C ILE D 169 0.90 27.72 -25.50
N THR D 170 1.94 26.93 -25.24
CA THR D 170 3.10 26.85 -26.14
C THR D 170 2.69 26.23 -27.48
N ASN D 171 1.76 25.26 -27.42
CA ASN D 171 1.22 24.63 -28.62
C ASN D 171 0.42 25.59 -29.50
N ILE D 172 -0.55 26.27 -28.90
CA ILE D 172 -1.44 27.18 -29.63
C ILE D 172 -0.70 28.43 -30.15
N ASP D 173 0.36 28.82 -29.45
CA ASP D 173 1.23 29.92 -29.90
C ASP D 173 1.99 29.52 -31.16
N ALA D 174 2.33 28.24 -31.26
CA ALA D 174 3.03 27.69 -32.42
C ALA D 174 2.09 27.45 -33.59
N PHE D 175 0.87 27.02 -33.30
CA PHE D 175 -0.13 26.70 -34.33
C PHE D 175 -0.66 27.93 -35.06
N GLY D 176 -0.53 29.09 -34.45
CA GLY D 176 -0.96 30.35 -35.04
C GLY D 176 -2.21 30.92 -34.40
N TYR D 177 -2.67 30.28 -33.32
CA TYR D 177 -3.81 30.75 -32.55
C TYR D 177 -3.48 32.04 -31.83
N ASP D 178 -4.39 33.01 -31.90
CA ASP D 178 -4.20 34.30 -31.25
C ASP D 178 -4.95 34.38 -29.93
N PHE D 179 -4.18 34.42 -28.84
CA PHE D 179 -4.75 34.62 -27.51
C PHE D 179 -4.39 36.00 -26.97
N SER D 180 -4.13 36.92 -27.91
CA SER D 180 -3.89 38.32 -27.59
C SER D 180 -5.13 38.98 -27.00
N SER D 181 -6.28 38.34 -27.24
CA SER D 181 -7.53 38.69 -26.57
C SER D 181 -7.28 38.71 -25.06
N HIS D 182 -6.86 37.57 -24.52
CA HIS D 182 -6.64 37.40 -23.09
C HIS D 182 -5.29 37.97 -22.64
N GLU D 183 -5.33 39.14 -22.02
CA GLU D 183 -4.12 39.87 -21.61
C GLU D 183 -3.42 39.28 -20.39
N ASN D 184 -4.21 38.76 -19.44
CA ASN D 184 -3.66 38.14 -18.23
C ASN D 184 -2.87 36.87 -18.55
N ILE D 185 -3.31 36.13 -19.56
CA ILE D 185 -2.60 34.95 -20.05
C ILE D 185 -1.32 35.35 -20.78
N ALA D 186 -1.42 36.37 -21.64
CA ALA D 186 -0.30 36.86 -22.42
C ALA D 186 0.88 37.32 -21.56
N LYS D 187 0.58 38.03 -20.47
CA LYS D 187 1.58 38.48 -19.51
C LYS D 187 2.15 37.30 -18.71
N TRP D 188 1.28 36.33 -18.42
CA TRP D 188 1.68 35.11 -17.71
C TRP D 188 2.53 34.19 -18.60
N PHE D 189 2.19 34.15 -19.88
CA PHE D 189 2.91 33.32 -20.86
C PHE D 189 4.34 33.79 -21.07
N GLU D 190 4.56 35.10 -21.02
CA GLU D 190 5.90 35.67 -21.11
C GLU D 190 6.67 35.46 -19.80
N ARG D 191 5.95 35.49 -18.69
CA ARG D 191 6.54 35.28 -17.36
C ARG D 191 6.98 33.82 -17.15
N THR D 192 6.11 32.89 -17.53
CA THR D 192 6.38 31.45 -17.38
C THR D 192 7.53 30.99 -18.27
N LYS D 193 7.65 31.60 -19.44
CA LYS D 193 8.75 31.31 -20.36
C LYS D 193 10.10 31.73 -19.78
N LYS D 194 10.12 32.86 -19.08
CA LYS D 194 11.35 33.38 -18.46
C LYS D 194 11.74 32.58 -17.22
N MET D 195 10.75 32.09 -16.49
CA MET D 195 10.96 31.28 -15.29
C MET D 195 11.52 29.90 -15.64
N LEU D 196 10.98 29.30 -16.71
CA LEU D 196 11.38 27.96 -17.15
C LEU D 196 12.50 28.00 -18.20
N GLU D 197 13.00 29.19 -18.49
CA GLU D 197 14.03 29.39 -19.51
C GLU D 197 15.35 28.66 -19.20
N PRO D 198 15.84 28.74 -17.95
CA PRO D 198 17.04 27.96 -17.62
C PRO D 198 16.75 26.47 -17.38
N TYR D 199 15.48 26.09 -17.39
CA TYR D 199 15.08 24.72 -17.10
C TYR D 199 14.62 23.94 -18.35
N GLY D 200 15.26 24.26 -19.48
CA GLY D 200 15.05 23.51 -20.72
C GLY D 200 13.71 23.71 -21.41
N TYR D 201 13.23 24.95 -21.43
CA TYR D 201 11.96 25.28 -22.08
C TYR D 201 12.00 25.08 -23.60
N ASP D 202 13.13 25.43 -24.21
CA ASP D 202 13.28 25.29 -25.66
C ASP D 202 13.49 23.85 -26.11
N GLU D 203 14.35 23.12 -25.38
CA GLU D 203 14.71 21.75 -25.76
C GLU D 203 13.58 20.74 -25.54
N ILE D 204 12.61 21.08 -24.69
CA ILE D 204 11.50 20.18 -24.38
C ILE D 204 10.19 20.61 -25.05
N ASP D 205 9.73 21.82 -24.74
CA ASP D 205 8.38 22.25 -25.13
C ASP D 205 8.29 22.82 -26.55
N VAL D 206 9.21 23.72 -26.89
CA VAL D 206 9.24 24.33 -28.23
C VAL D 206 9.51 23.26 -29.30
N THR D 207 10.48 22.40 -29.03
CA THR D 207 10.82 21.27 -29.91
C THR D 207 9.62 20.34 -30.05
N GLY D 208 8.89 20.14 -28.95
CA GLY D 208 7.67 19.34 -28.93
C GLY D 208 6.54 20.00 -29.71
N ALA D 209 6.43 21.32 -29.58
CA ALA D 209 5.40 22.10 -30.28
C ALA D 209 5.69 22.20 -31.77
N LYS D 210 6.96 22.38 -32.13
CA LYS D 210 7.39 22.47 -33.52
C LYS D 210 7.16 21.17 -34.30
N MET D 211 7.36 20.04 -33.62
CA MET D 211 7.12 18.73 -34.21
C MET D 211 5.64 18.49 -34.50
N LEU D 212 4.78 19.05 -33.66
CA LEU D 212 3.33 18.99 -33.87
C LEU D 212 2.88 20.01 -34.91
N ALA D 213 3.58 21.15 -34.95
CA ALA D 213 3.25 22.23 -35.88
C ALA D 213 3.56 21.88 -37.34
N SER D 214 4.44 20.89 -37.53
CA SER D 214 4.81 20.43 -38.88
C SER D 214 3.72 19.60 -39.54
N PHE D 215 2.78 19.10 -38.73
CA PHE D 215 1.62 18.36 -39.24
C PHE D 215 0.61 19.26 -39.94
N LEU D 216 0.67 20.56 -39.64
CA LEU D 216 -0.21 21.56 -40.24
C LEU D 216 0.24 21.89 -41.67
#